data_5KCL
#
_entry.id   5KCL
#
_cell.length_a   96.290
_cell.length_b   132.970
_cell.length_c   68.480
_cell.angle_alpha   90.00
_cell.angle_beta   90.00
_cell.angle_gamma   90.00
#
_symmetry.space_group_name_H-M   'P 21 21 2'
#
loop_
_entity.id
_entity.type
_entity.pdbx_description
1 polymer 'aromatic prenyltransferase'
2 non-polymer 'DIMETHYLALLYL S-THIOLODIPHOSPHATE'
3 water water
#
_entity_poly.entity_id   1
_entity_poly.type   'polypeptide(L)'
_entity_poly.pdbx_seq_one_letter_code
;GPLGSRPWQILSQALGFPNYDQELWWQNTAETLNRVLEQCDYSVHLQYKYLAFYHKYILPSLGPFRRPGVEPEYISGLSH
GGHPLEISVKIDKSKTICRLGLQAIGPLAGTARDPLNSFGDRELLKNLATLLPHVDLRLFDHFNAQVGLDRAQCAVATTK
LIKESHNIVCTSLDLKDGEVIPKVYFSTIPKGLVTETPLFDLTFAAIEQMEVYHKDAPLRTALSSLKDFLRPRVPTDASI
TPPLTGLIGVDCIDPMLSRLKVYLATFRMDLSLIRDYWTLGGLLTDAGTMKGLEMVETLAKTLKLGDEACETLDAERLPF
GINYAMKPGTAELAPPQIYFPLLGINDGFIADALVEFFQYMGWEDQANRYKDELKAKFPNVDISQTKNVHRWLGVAYSET
KGPSMNIYYDVVAGNVARV
;
_entity_poly.pdbx_strand_id   A,B
#
loop_
_chem_comp.id
_chem_comp.type
_chem_comp.name
_chem_comp.formula
DST non-polymer 'DIMETHYLALLYL S-THIOLODIPHOSPHATE' 'C5 H12 O6 P2 S'
#
# COMPACT_ATOMS: atom_id res chain seq x y z
N ARG A 6 -13.02 -23.51 -28.61
CA ARG A 6 -13.49 -22.97 -27.27
C ARG A 6 -12.64 -21.81 -26.69
N PRO A 7 -13.26 -20.92 -25.90
CA PRO A 7 -12.46 -19.75 -25.49
C PRO A 7 -11.08 -20.02 -24.84
N TRP A 8 -10.97 -21.04 -24.00
CA TRP A 8 -9.71 -21.29 -23.30
C TRP A 8 -8.67 -21.79 -24.27
N GLN A 9 -9.12 -22.48 -25.31
CA GLN A 9 -8.27 -22.99 -26.37
C GLN A 9 -7.83 -21.93 -27.31
N ILE A 10 -8.77 -21.07 -27.67
CA ILE A 10 -8.52 -19.94 -28.52
C ILE A 10 -7.52 -18.95 -27.92
N LEU A 11 -7.67 -18.64 -26.63
CA LEU A 11 -6.69 -17.77 -25.95
C LEU A 11 -5.27 -18.35 -25.80
N SER A 12 -5.14 -19.65 -25.55
CA SER A 12 -3.87 -20.36 -25.67
C SER A 12 -3.18 -20.19 -27.02
N GLN A 13 -3.92 -20.44 -28.08
CA GLN A 13 -3.41 -20.27 -29.45
C GLN A 13 -3.00 -18.82 -29.77
N ALA A 14 -3.76 -17.86 -29.28
CA ALA A 14 -3.55 -16.44 -29.56
C ALA A 14 -2.44 -15.84 -28.73
N LEU A 15 -2.36 -16.29 -27.48
CA LEU A 15 -1.50 -15.66 -26.45
C LEU A 15 -0.21 -16.43 -26.15
N GLY A 16 -0.24 -17.74 -26.28
CA GLY A 16 0.84 -18.57 -25.79
C GLY A 16 1.15 -18.28 -24.33
N PHE A 17 2.38 -18.54 -23.94
CA PHE A 17 2.85 -18.47 -22.56
C PHE A 17 4.25 -17.90 -22.46
N PRO A 18 4.50 -16.98 -21.52
CA PRO A 18 5.85 -16.41 -21.33
C PRO A 18 6.83 -17.45 -20.73
N ASN A 19 6.33 -18.43 -20.00
CA ASN A 19 7.19 -19.43 -19.42
C ASN A 19 6.37 -20.68 -19.26
N TYR A 20 7.06 -21.71 -18.88
CA TYR A 20 6.44 -23.04 -18.72
C TYR A 20 5.50 -23.14 -17.56
N ASP A 21 5.77 -22.42 -16.46
CA ASP A 21 4.92 -22.46 -15.29
C ASP A 21 3.58 -21.88 -15.64
N GLN A 22 3.55 -20.78 -16.37
CA GLN A 22 2.24 -20.24 -16.81
C GLN A 22 1.49 -21.22 -17.71
N GLU A 23 2.19 -21.86 -18.63
CA GLU A 23 1.61 -22.89 -19.50
C GLU A 23 0.95 -24.04 -18.71
N LEU A 24 1.66 -24.55 -17.71
CA LEU A 24 1.13 -25.58 -16.86
C LEU A 24 -0.06 -25.12 -16.05
N TRP A 25 -0.01 -23.91 -15.52
CA TRP A 25 -1.17 -23.40 -14.82
C TRP A 25 -2.39 -23.42 -15.74
N TRP A 26 -2.22 -22.93 -16.95
CA TRP A 26 -3.33 -22.88 -17.86
C TRP A 26 -3.83 -24.24 -18.19
N GLN A 27 -2.90 -25.19 -18.42
CA GLN A 27 -3.26 -26.53 -18.80
C GLN A 27 -4.00 -27.27 -17.68
N ASN A 28 -3.86 -26.81 -16.44
CA ASN A 28 -4.46 -27.44 -15.28
C ASN A 28 -5.60 -26.65 -14.68
N THR A 29 -5.98 -25.51 -15.26
CA THR A 29 -7.07 -24.75 -14.68
C THR A 29 -8.03 -24.11 -15.65
N ALA A 30 -7.58 -23.80 -16.87
CA ALA A 30 -8.36 -22.90 -17.72
C ALA A 30 -9.57 -23.58 -18.39
N GLU A 31 -9.43 -24.85 -18.73
CA GLU A 31 -10.56 -25.62 -19.19
C GLU A 31 -11.68 -25.65 -18.15
N THR A 32 -11.31 -26.01 -16.92
CA THR A 32 -12.26 -25.97 -15.80
C THR A 32 -12.92 -24.59 -15.64
N LEU A 33 -12.14 -23.50 -15.60
CA LEU A 33 -12.73 -22.23 -15.48
C LEU A 33 -13.70 -21.87 -16.62
N ASN A 34 -13.31 -22.19 -17.84
CA ASN A 34 -14.18 -21.91 -18.96
C ASN A 34 -15.51 -22.73 -18.81
N ARG A 35 -15.39 -23.96 -18.33
CA ARG A 35 -16.56 -24.80 -18.02
C ARG A 35 -17.46 -24.16 -17.01
N VAL A 36 -16.87 -23.64 -15.95
CA VAL A 36 -17.65 -23.03 -14.93
C VAL A 36 -18.41 -21.81 -15.49
N LEU A 37 -17.68 -20.93 -16.18
CA LEU A 37 -18.34 -19.74 -16.73
C LEU A 37 -19.54 -20.16 -17.68
N GLU A 38 -19.33 -21.16 -18.49
CA GLU A 38 -20.39 -21.70 -19.43
C GLU A 38 -21.61 -22.17 -18.61
N GLN A 39 -21.36 -22.87 -17.53
CA GLN A 39 -22.41 -23.48 -16.71
C GLN A 39 -23.17 -22.47 -15.85
N CYS A 40 -22.51 -21.39 -15.46
CA CYS A 40 -23.16 -20.25 -14.86
C CYS A 40 -23.83 -19.29 -15.86
N ASP A 41 -23.88 -19.65 -17.14
CA ASP A 41 -24.57 -18.89 -18.20
C ASP A 41 -23.95 -17.46 -18.38
N TYR A 42 -22.61 -17.38 -18.33
CA TYR A 42 -21.95 -16.15 -18.79
C TYR A 42 -22.01 -16.21 -20.30
N SER A 43 -22.27 -15.10 -20.96
CA SER A 43 -22.13 -15.02 -22.39
C SER A 43 -20.72 -15.39 -22.84
N VAL A 44 -20.59 -15.71 -24.12
CA VAL A 44 -19.33 -16.00 -24.73
C VAL A 44 -18.36 -14.78 -24.58
N HIS A 45 -18.85 -13.57 -24.79
CA HIS A 45 -18.04 -12.36 -24.68
C HIS A 45 -17.48 -12.25 -23.26
N LEU A 46 -18.28 -12.62 -22.26
CA LEU A 46 -17.80 -12.57 -20.87
C LEU A 46 -16.83 -13.70 -20.57
N GLN A 47 -17.00 -14.84 -21.23
CA GLN A 47 -16.05 -15.91 -21.11
C GLN A 47 -14.67 -15.46 -21.59
N TYR A 48 -14.62 -14.89 -22.78
CA TYR A 48 -13.40 -14.29 -23.29
C TYR A 48 -12.90 -13.23 -22.35
N LYS A 49 -13.76 -12.37 -21.83
CA LYS A 49 -13.32 -11.30 -20.99
C LYS A 49 -12.53 -11.85 -19.76
N TYR A 50 -13.10 -12.87 -19.15
CA TYR A 50 -12.59 -13.36 -17.87
C TYR A 50 -11.39 -14.28 -18.08
N LEU A 51 -11.40 -15.01 -19.18
CA LEU A 51 -10.30 -15.88 -19.51
C LEU A 51 -9.10 -15.07 -19.96
N ALA A 52 -9.34 -13.99 -20.69
CA ALA A 52 -8.21 -13.17 -21.15
C ALA A 52 -7.58 -12.45 -19.95
N PHE A 53 -8.42 -11.92 -19.09
CA PHE A 53 -8.02 -11.32 -17.84
C PHE A 53 -7.17 -12.31 -17.00
N TYR A 54 -7.66 -13.53 -16.88
CA TYR A 54 -7.00 -14.59 -16.11
C TYR A 54 -5.59 -14.78 -16.69
N HIS A 55 -5.49 -14.87 -18.01
CA HIS A 55 -4.22 -15.11 -18.66
C HIS A 55 -3.22 -13.97 -18.38
N LYS A 56 -3.67 -12.73 -18.52
CA LYS A 56 -2.82 -11.61 -18.44
C LYS A 56 -2.42 -11.30 -17.04
N TYR A 57 -3.38 -11.33 -16.11
CA TYR A 57 -3.19 -10.78 -14.75
C TYR A 57 -2.95 -11.88 -13.74
N ILE A 58 -3.59 -13.05 -13.93
CA ILE A 58 -3.57 -14.01 -12.84
C ILE A 58 -2.46 -15.06 -13.04
N LEU A 59 -2.29 -15.60 -14.25
CA LEU A 59 -1.20 -16.52 -14.52
C LEU A 59 0.15 -16.10 -14.01
N PRO A 60 0.60 -14.83 -14.28
CA PRO A 60 1.92 -14.45 -13.76
C PRO A 60 1.93 -14.31 -12.26
N SER A 61 0.79 -14.07 -11.63
CA SER A 61 0.71 -13.91 -10.18
C SER A 61 0.73 -15.23 -9.42
N LEU A 62 0.57 -16.35 -10.12
CA LEU A 62 0.43 -17.62 -9.50
C LEU A 62 1.76 -18.30 -9.20
N GLY A 63 2.85 -17.78 -9.72
CA GLY A 63 4.16 -18.31 -9.39
C GLY A 63 4.43 -19.64 -10.09
N PRO A 64 5.39 -20.39 -9.57
CA PRO A 64 5.71 -21.70 -10.14
C PRO A 64 4.59 -22.69 -9.87
N PHE A 65 4.47 -23.66 -10.73
CA PHE A 65 3.46 -24.69 -10.66
C PHE A 65 4.12 -25.90 -10.01
N ARG A 66 3.80 -26.11 -8.75
CA ARG A 66 4.38 -27.19 -7.96
C ARG A 66 3.98 -28.51 -8.56
N ARG A 67 4.96 -29.39 -8.69
CA ARG A 67 4.77 -30.64 -9.40
C ARG A 67 5.96 -31.51 -9.00
N PRO A 68 5.90 -32.82 -9.34
CA PRO A 68 6.99 -33.71 -8.99
C PRO A 68 8.29 -33.22 -9.60
N GLY A 69 9.30 -33.08 -8.77
CA GLY A 69 10.64 -32.70 -9.22
C GLY A 69 10.93 -31.23 -9.08
N VAL A 70 9.88 -30.44 -8.85
CA VAL A 70 10.00 -28.96 -8.76
C VAL A 70 9.23 -28.47 -7.55
N GLU A 71 9.98 -28.18 -6.49
CA GLU A 71 9.44 -27.77 -5.25
C GLU A 71 9.66 -26.25 -5.14
N PRO A 72 8.60 -25.45 -5.28
CA PRO A 72 8.74 -24.01 -5.13
C PRO A 72 9.23 -23.62 -3.75
N GLU A 73 9.81 -22.44 -3.63
CA GLU A 73 10.19 -21.92 -2.29
C GLU A 73 8.94 -21.55 -1.48
N TYR A 74 7.84 -21.20 -2.14
CA TYR A 74 6.65 -20.79 -1.39
C TYR A 74 5.58 -21.84 -1.60
N ILE A 75 5.00 -22.28 -0.50
CA ILE A 75 3.94 -23.34 -0.51
C ILE A 75 2.68 -22.67 0.06
N SER A 76 1.59 -22.67 -0.70
CA SER A 76 0.36 -22.04 -0.25
C SER A 76 -0.55 -23.04 0.53
N GLY A 77 -1.28 -22.53 1.49
CA GLY A 77 -2.30 -23.27 2.23
C GLY A 77 -3.63 -23.29 1.50
N LEU A 78 -3.74 -22.68 0.29
CA LEU A 78 -5.07 -22.57 -0.36
C LEU A 78 -5.64 -23.85 -0.93
N SER A 79 -4.79 -24.83 -1.10
CA SER A 79 -5.16 -26.03 -1.81
C SER A 79 -4.35 -27.19 -1.20
N HIS A 80 -4.76 -28.40 -1.52
CA HIS A 80 -4.12 -29.58 -0.95
C HIS A 80 -2.67 -29.72 -1.47
N GLY A 81 -2.45 -29.41 -2.75
CA GLY A 81 -1.13 -29.62 -3.35
C GLY A 81 -0.21 -28.43 -3.20
N GLY A 82 -0.61 -27.41 -2.43
CA GLY A 82 0.24 -26.23 -2.19
C GLY A 82 0.22 -25.16 -3.30
N HIS A 83 -0.70 -25.34 -4.25
CA HIS A 83 -0.98 -24.41 -5.33
C HIS A 83 -1.82 -23.23 -4.81
N PRO A 84 -1.37 -21.98 -5.05
CA PRO A 84 -2.09 -20.81 -4.51
C PRO A 84 -3.35 -20.38 -5.29
N LEU A 85 -4.28 -21.31 -5.53
CA LEU A 85 -5.48 -21.04 -6.31
C LEU A 85 -6.65 -21.87 -5.87
N GLU A 86 -7.83 -21.24 -5.87
CA GLU A 86 -9.11 -21.92 -5.72
C GLU A 86 -10.09 -21.28 -6.71
N ILE A 87 -11.07 -22.00 -7.19
CA ILE A 87 -12.22 -21.42 -7.92
C ILE A 87 -13.46 -21.76 -7.04
N SER A 88 -14.40 -20.81 -6.91
CA SER A 88 -15.63 -20.99 -6.15
C SER A 88 -16.83 -20.49 -6.95
N VAL A 89 -18.00 -21.07 -6.66
CA VAL A 89 -19.28 -20.65 -7.23
C VAL A 89 -20.15 -20.18 -6.08
N LYS A 90 -20.90 -19.12 -6.31
CA LYS A 90 -21.88 -18.64 -5.37
C LYS A 90 -23.22 -18.89 -6.03
N ILE A 91 -24.02 -19.74 -5.40
CA ILE A 91 -25.30 -20.24 -5.94
C ILE A 91 -26.44 -19.62 -5.17
N ASP A 92 -27.32 -18.92 -5.89
CA ASP A 92 -28.74 -18.60 -5.51
C ASP A 92 -29.74 -19.47 -6.23
N LYS A 93 -30.98 -19.25 -5.83
CA LYS A 93 -32.17 -19.60 -6.63
C LYS A 93 -32.09 -19.10 -8.09
N SER A 94 -31.90 -17.78 -8.31
CA SER A 94 -31.92 -17.16 -9.68
C SER A 94 -30.60 -17.12 -10.52
N LYS A 95 -29.43 -17.07 -9.88
CA LYS A 95 -28.13 -17.10 -10.60
C LYS A 95 -26.98 -17.84 -9.88
N THR A 96 -25.90 -18.13 -10.65
CA THR A 96 -24.65 -18.58 -10.10
C THR A 96 -23.48 -17.67 -10.57
N ILE A 97 -22.63 -17.28 -9.64
CA ILE A 97 -21.52 -16.35 -9.84
C ILE A 97 -20.25 -17.17 -9.65
N CYS A 98 -19.28 -16.98 -10.54
CA CYS A 98 -17.95 -17.60 -10.45
C CYS A 98 -16.99 -16.64 -9.74
N ARG A 99 -16.11 -17.15 -8.86
CA ARG A 99 -15.09 -16.33 -8.21
C ARG A 99 -13.75 -17.07 -8.16
N LEU A 100 -12.65 -16.34 -8.25
CA LEU A 100 -11.29 -16.90 -8.10
C LEU A 100 -10.74 -16.46 -6.72
N GLY A 101 -10.01 -17.33 -6.01
CA GLY A 101 -9.25 -17.01 -4.82
C GLY A 101 -7.80 -17.37 -5.14
N LEU A 102 -6.85 -16.51 -4.76
CA LEU A 102 -5.48 -16.81 -4.95
C LEU A 102 -4.61 -16.12 -3.90
N GLN A 103 -3.34 -16.51 -3.89
CA GLN A 103 -2.27 -15.64 -3.35
C GLN A 103 -1.38 -15.25 -4.50
N ALA A 104 -1.02 -13.98 -4.60
CA ALA A 104 -0.19 -13.46 -5.67
C ALA A 104 1.23 -13.59 -5.19
N ILE A 105 1.97 -14.49 -5.84
CA ILE A 105 3.29 -14.95 -5.34
C ILE A 105 4.37 -14.03 -5.93
N GLY A 106 5.03 -13.27 -5.09
CA GLY A 106 6.19 -12.50 -5.55
C GLY A 106 7.38 -13.41 -5.92
N PRO A 107 8.30 -12.87 -6.70
CA PRO A 107 9.40 -13.70 -7.21
C PRO A 107 10.54 -14.05 -6.20
N LEU A 108 10.50 -13.52 -5.01
CA LEU A 108 11.42 -13.92 -3.90
C LEU A 108 10.65 -14.47 -2.71
N ALA A 109 9.37 -14.73 -2.90
CA ALA A 109 8.53 -15.27 -1.85
C ALA A 109 9.11 -16.52 -1.25
N GLY A 110 9.03 -16.60 0.09
CA GLY A 110 9.45 -17.81 0.83
C GLY A 110 10.98 -17.87 0.97
N THR A 111 11.66 -16.75 0.73
CA THR A 111 13.13 -16.62 0.89
C THR A 111 13.42 -15.41 1.73
N ALA A 112 14.69 -15.20 2.06
CA ALA A 112 15.00 -14.19 3.08
C ALA A 112 14.57 -12.76 2.73
N ARG A 113 14.54 -12.44 1.46
CA ARG A 113 14.12 -11.11 1.01
C ARG A 113 12.59 -10.89 1.05
N ASP A 114 11.80 -11.95 1.26
CA ASP A 114 10.35 -11.86 1.32
C ASP A 114 9.73 -13.13 2.02
N PRO A 115 9.94 -13.30 3.36
CA PRO A 115 9.62 -14.60 3.98
C PRO A 115 8.11 -14.95 4.00
N LEU A 116 7.23 -13.94 4.06
CA LEU A 116 5.79 -14.17 4.14
C LEU A 116 5.02 -13.70 2.92
N ASN A 117 5.70 -13.59 1.79
CA ASN A 117 5.06 -13.14 0.54
C ASN A 117 4.23 -11.86 0.74
N SER A 118 4.92 -10.80 1.17
CA SER A 118 4.29 -9.56 1.58
C SER A 118 3.95 -8.57 0.49
N PHE A 119 4.36 -8.79 -0.76
CA PHE A 119 4.26 -7.75 -1.79
C PHE A 119 3.45 -8.12 -3.05
N GLY A 120 3.38 -9.42 -3.38
CA GLY A 120 2.73 -9.85 -4.62
C GLY A 120 1.30 -9.36 -4.72
N ASP A 121 0.53 -9.46 -3.64
CA ASP A 121 -0.92 -9.13 -3.70
C ASP A 121 -1.14 -7.60 -4.04
N ARG A 122 -0.36 -6.73 -3.44
CA ARG A 122 -0.46 -5.32 -3.66
C ARG A 122 0.03 -5.01 -5.06
N GLU A 123 1.05 -5.68 -5.54
CA GLU A 123 1.43 -5.48 -6.93
C GLU A 123 0.27 -5.87 -7.90
N LEU A 124 -0.36 -7.01 -7.68
CA LEU A 124 -1.54 -7.38 -8.52
C LEU A 124 -2.60 -6.30 -8.40
N LEU A 125 -2.86 -5.83 -7.21
CA LEU A 125 -3.93 -4.85 -7.03
C LEU A 125 -3.66 -3.49 -7.69
N LYS A 126 -2.42 -3.11 -7.69
CA LYS A 126 -1.98 -1.92 -8.41
C LYS A 126 -2.31 -2.05 -9.89
N ASN A 127 -1.98 -3.17 -10.49
CA ASN A 127 -2.36 -3.48 -11.89
C ASN A 127 -3.83 -3.49 -12.11
N LEU A 128 -4.58 -4.07 -11.17
CA LEU A 128 -6.03 -4.00 -11.22
C LEU A 128 -6.60 -2.57 -11.13
N ALA A 129 -5.92 -1.68 -10.40
CA ALA A 129 -6.40 -0.28 -10.26
C ALA A 129 -6.27 0.55 -11.50
N THR A 130 -5.25 0.31 -12.32
CA THR A 130 -5.19 0.98 -13.60
C THR A 130 -6.13 0.27 -14.61
N LEU A 131 -6.47 -0.98 -14.38
CA LEU A 131 -7.30 -1.73 -15.33
C LEU A 131 -8.75 -1.35 -15.16
N LEU A 132 -9.17 -1.30 -13.90
CA LEU A 132 -10.57 -1.28 -13.53
C LEU A 132 -10.92 0.05 -12.85
N PRO A 133 -11.89 0.79 -13.42
CA PRO A 133 -12.25 2.17 -12.90
C PRO A 133 -12.76 2.24 -11.44
N HIS A 134 -13.32 1.14 -10.91
CA HIS A 134 -13.89 1.12 -9.56
C HIS A 134 -13.01 0.46 -8.44
N VAL A 135 -11.79 0.06 -8.74
CA VAL A 135 -10.89 -0.59 -7.74
C VAL A 135 -10.33 0.49 -6.80
N ASP A 136 -10.28 0.23 -5.52
CA ASP A 136 -9.82 1.21 -4.54
C ASP A 136 -8.90 0.49 -3.58
N LEU A 137 -7.75 1.06 -3.26
CA LEU A 137 -6.75 0.40 -2.53
C LEU A 137 -6.68 0.88 -1.11
N ARG A 138 -7.56 1.76 -0.71
CA ARG A 138 -7.40 2.41 0.63
C ARG A 138 -7.56 1.48 1.77
N LEU A 139 -8.53 0.58 1.71
CA LEU A 139 -8.69 -0.40 2.76
C LEU A 139 -7.58 -1.44 2.72
N PHE A 140 -7.15 -1.84 1.53
CA PHE A 140 -5.97 -2.68 1.42
C PHE A 140 -4.78 -2.03 2.15
N ASP A 141 -4.47 -0.78 1.83
CA ASP A 141 -3.33 -0.13 2.42
C ASP A 141 -3.50 0.03 3.94
N HIS A 142 -4.71 0.31 4.36
CA HIS A 142 -4.94 0.47 5.80
C HIS A 142 -4.59 -0.79 6.54
N PHE A 143 -5.15 -1.92 6.12
CA PHE A 143 -4.90 -3.16 6.84
C PHE A 143 -3.50 -3.68 6.66
N ASN A 144 -2.90 -3.43 5.51
CA ASN A 144 -1.51 -3.78 5.31
C ASN A 144 -0.64 -3.02 6.32
N ALA A 145 -0.96 -1.77 6.60
CA ALA A 145 -0.22 -1.01 7.61
C ALA A 145 -0.44 -1.57 9.01
N GLN A 146 -1.65 -2.02 9.31
CA GLN A 146 -1.97 -2.50 10.64
C GLN A 146 -1.54 -3.91 10.98
N VAL A 147 -1.58 -4.84 10.02
CA VAL A 147 -1.30 -6.24 10.30
C VAL A 147 -0.02 -6.73 9.59
N GLY A 148 0.62 -5.88 8.81
CA GLY A 148 1.83 -6.28 8.03
C GLY A 148 3.04 -6.19 8.93
N LEU A 149 4.15 -6.73 8.45
CA LEU A 149 5.31 -6.94 9.31
C LEU A 149 6.54 -6.56 8.51
N ASP A 150 7.56 -6.03 9.19
CA ASP A 150 8.86 -5.78 8.50
C ASP A 150 9.62 -7.11 8.25
N ARG A 151 10.76 -7.04 7.60
CA ARG A 151 11.38 -8.29 7.16
C ARG A 151 11.81 -9.14 8.35
N ALA A 152 12.44 -8.49 9.30
CA ALA A 152 12.89 -9.21 10.54
C ALA A 152 11.73 -9.93 11.25
N GLN A 153 10.60 -9.25 11.37
CA GLN A 153 9.38 -9.83 11.92
C GLN A 153 8.88 -10.97 11.07
N CYS A 154 8.93 -10.81 9.76
CA CYS A 154 8.50 -11.89 8.88
C CYS A 154 9.37 -13.15 9.10
N ALA A 155 10.69 -12.97 9.19
CA ALA A 155 11.60 -14.12 9.45
C ALA A 155 11.27 -14.81 10.81
N VAL A 156 11.02 -14.02 11.86
CA VAL A 156 10.54 -14.57 13.13
C VAL A 156 9.23 -15.37 12.95
N ALA A 157 8.25 -14.81 12.27
CA ALA A 157 7.02 -15.52 12.02
C ALA A 157 7.19 -16.89 11.38
N THR A 158 8.05 -17.01 10.36
CA THR A 158 8.29 -18.31 9.69
C THR A 158 8.84 -19.40 10.68
N THR A 159 9.53 -18.99 11.75
CA THR A 159 10.03 -19.97 12.75
C THR A 159 8.92 -20.48 13.66
N LYS A 160 7.77 -19.83 13.64
CA LYS A 160 6.65 -20.19 14.52
C LYS A 160 5.45 -20.69 13.79
N LEU A 161 5.52 -20.83 12.46
CA LEU A 161 4.37 -21.31 11.66
C LEU A 161 4.80 -22.36 10.69
N ILE A 162 3.88 -23.27 10.37
CA ILE A 162 4.14 -24.28 9.30
C ILE A 162 4.24 -23.56 7.96
N LYS A 163 4.87 -24.25 7.01
CA LYS A 163 5.23 -23.70 5.68
C LYS A 163 3.96 -23.18 4.93
N GLU A 164 2.83 -23.86 5.10
CA GLU A 164 1.57 -23.50 4.47
C GLU A 164 0.91 -22.30 5.07
N SER A 165 1.42 -21.79 6.18
CA SER A 165 0.89 -20.61 6.81
C SER A 165 1.87 -19.43 6.80
N HIS A 166 2.81 -19.40 5.85
CA HIS A 166 3.75 -18.30 5.74
C HIS A 166 3.15 -17.22 4.84
N ASN A 167 2.04 -16.64 5.29
CA ASN A 167 1.33 -15.70 4.47
C ASN A 167 0.59 -14.70 5.34
N ILE A 168 0.41 -13.49 4.85
CA ILE A 168 -0.41 -12.49 5.47
C ILE A 168 -1.67 -12.13 4.69
N VAL A 169 -1.64 -12.15 3.37
CA VAL A 169 -2.75 -11.67 2.58
C VAL A 169 -3.14 -12.72 1.54
N CYS A 170 -4.40 -12.76 1.18
CA CYS A 170 -4.80 -13.38 -0.01
C CYS A 170 -5.94 -12.58 -0.68
N THR A 171 -6.22 -12.92 -1.92
CA THR A 171 -7.07 -12.10 -2.79
C THR A 171 -8.16 -12.98 -3.40
N SER A 172 -9.36 -12.44 -3.56
CA SER A 172 -10.44 -13.05 -4.35
C SER A 172 -11.01 -12.09 -5.36
N LEU A 173 -11.53 -12.61 -6.44
CA LEU A 173 -12.00 -11.81 -7.56
C LEU A 173 -13.37 -12.36 -7.90
N ASP A 174 -14.41 -11.57 -7.64
CA ASP A 174 -15.79 -11.97 -8.00
C ASP A 174 -15.98 -11.59 -9.43
N LEU A 175 -16.43 -12.53 -10.27
CA LEU A 175 -16.63 -12.28 -11.68
C LEU A 175 -18.15 -12.03 -11.87
N LYS A 176 -18.58 -10.80 -11.65
CA LYS A 176 -19.99 -10.43 -11.45
C LYS A 176 -20.32 -9.14 -12.24
N ASP A 177 -21.55 -9.05 -12.75
CA ASP A 177 -22.05 -7.81 -13.40
C ASP A 177 -21.16 -7.39 -14.61
N GLY A 178 -20.59 -8.37 -15.33
CA GLY A 178 -19.51 -8.09 -16.33
C GLY A 178 -18.20 -7.45 -15.84
N GLU A 179 -17.99 -7.41 -14.54
CA GLU A 179 -16.85 -6.73 -13.96
C GLU A 179 -16.01 -7.77 -13.17
N VAL A 180 -14.88 -7.29 -12.65
CA VAL A 180 -14.00 -8.06 -11.70
C VAL A 180 -14.03 -7.23 -10.45
N ILE A 181 -14.44 -7.81 -9.34
CA ILE A 181 -14.53 -7.12 -8.09
C ILE A 181 -13.56 -7.76 -7.10
N PRO A 182 -12.46 -7.07 -6.71
CA PRO A 182 -11.51 -7.68 -5.79
C PRO A 182 -11.94 -7.57 -4.37
N LYS A 183 -11.58 -8.58 -3.58
CA LYS A 183 -11.70 -8.63 -2.17
C LYS A 183 -10.32 -9.09 -1.69
N VAL A 184 -9.92 -8.69 -0.51
CA VAL A 184 -8.70 -9.21 0.11
C VAL A 184 -8.96 -9.63 1.57
N TYR A 185 -8.15 -10.57 2.05
N TYR A 185 -8.16 -10.58 2.04
CA TYR A 185 -8.21 -11.08 3.41
CA TYR A 185 -8.24 -11.08 3.41
C TYR A 185 -6.82 -10.99 4.05
C TYR A 185 -6.84 -11.01 4.06
N PHE A 186 -6.75 -10.46 5.27
CA PHE A 186 -5.48 -10.29 5.97
C PHE A 186 -5.47 -11.24 7.16
N SER A 187 -4.40 -12.04 7.32
CA SER A 187 -4.30 -12.94 8.49
C SER A 187 -3.75 -12.11 9.63
N THR A 188 -4.37 -12.28 10.80
CA THR A 188 -3.93 -11.69 12.06
C THR A 188 -2.85 -12.52 12.81
N ILE A 189 -2.75 -13.78 12.44
CA ILE A 189 -1.83 -14.77 13.11
C ILE A 189 -0.35 -14.37 13.12
N PRO A 190 0.23 -14.01 11.96
CA PRO A 190 1.67 -13.67 12.08
C PRO A 190 1.94 -12.50 13.02
N LYS A 191 1.13 -11.47 12.94
CA LYS A 191 1.31 -10.33 13.86
C LYS A 191 1.04 -10.73 15.35
N GLY A 192 -0.02 -11.52 15.60
CA GLY A 192 -0.30 -12.05 16.96
C GLY A 192 0.96 -12.76 17.52
N LEU A 193 1.50 -13.69 16.74
CA LEU A 193 2.68 -14.48 17.15
C LEU A 193 3.92 -13.67 17.35
N VAL A 194 4.20 -12.73 16.45
CA VAL A 194 5.43 -12.00 16.55
C VAL A 194 5.36 -10.94 17.66
N THR A 195 4.22 -10.31 17.88
CA THR A 195 4.14 -9.25 18.90
C THR A 195 3.66 -9.78 20.23
N GLU A 196 3.34 -11.07 20.29
CA GLU A 196 2.71 -11.71 21.47
C GLU A 196 1.53 -10.92 21.95
N THR A 197 0.68 -10.54 21.01
CA THR A 197 -0.61 -9.89 21.26
C THR A 197 -1.76 -10.89 21.02
N PRO A 198 -2.79 -10.87 21.87
CA PRO A 198 -4.02 -11.63 21.61
C PRO A 198 -4.66 -11.31 20.27
N LEU A 199 -5.15 -12.32 19.58
CA LEU A 199 -5.71 -12.07 18.24
C LEU A 199 -6.92 -11.15 18.24
N PHE A 200 -7.72 -11.27 19.31
CA PHE A 200 -8.91 -10.43 19.45
C PHE A 200 -8.49 -9.01 19.52
N ASP A 201 -7.52 -8.69 20.37
CA ASP A 201 -7.12 -7.28 20.52
C ASP A 201 -6.57 -6.69 19.23
N LEU A 202 -5.68 -7.41 18.55
CA LEU A 202 -5.08 -6.77 17.35
C LEU A 202 -6.10 -6.63 16.23
N THR A 203 -7.05 -7.57 16.09
CA THR A 203 -8.10 -7.50 15.08
C THR A 203 -8.93 -6.25 15.25
N PHE A 204 -9.43 -6.05 16.46
CA PHE A 204 -10.24 -4.88 16.76
C PHE A 204 -9.44 -3.61 16.80
N ALA A 205 -8.19 -3.67 17.24
CA ALA A 205 -7.38 -2.44 17.21
C ALA A 205 -7.23 -1.94 15.74
N ALA A 206 -6.97 -2.87 14.81
CA ALA A 206 -6.82 -2.49 13.40
C ALA A 206 -8.13 -1.95 12.80
N ILE A 207 -9.23 -2.62 13.10
CA ILE A 207 -10.53 -2.10 12.67
C ILE A 207 -10.88 -0.75 13.19
N GLU A 208 -10.60 -0.50 14.47
CA GLU A 208 -10.99 0.74 15.10
C GLU A 208 -10.17 1.94 14.64
N GLN A 209 -9.03 1.69 14.00
CA GLN A 209 -8.28 2.78 13.42
C GLN A 209 -8.66 3.10 11.99
N MET A 210 -9.59 2.36 11.37
CA MET A 210 -10.09 2.69 10.02
C MET A 210 -10.69 4.06 9.93
N GLU A 211 -10.39 4.80 8.85
CA GLU A 211 -11.06 6.08 8.57
C GLU A 211 -12.60 5.96 8.57
N VAL A 212 -13.15 4.91 7.94
CA VAL A 212 -14.60 4.73 7.93
C VAL A 212 -15.19 4.46 9.35
N TYR A 213 -14.48 3.72 10.18
CA TYR A 213 -14.88 3.54 11.57
C TYR A 213 -15.09 4.87 12.28
N HIS A 214 -14.14 5.78 12.11
CA HIS A 214 -14.26 7.15 12.71
C HIS A 214 -15.41 8.01 12.16
N LYS A 215 -15.83 7.79 10.90
CA LYS A 215 -16.94 8.54 10.29
C LYS A 215 -18.32 7.89 10.40
N ASP A 216 -18.42 6.61 10.70
CA ASP A 216 -19.69 5.89 10.58
C ASP A 216 -20.15 5.27 11.91
N ALA A 217 -21.05 5.96 12.59
CA ALA A 217 -21.62 5.47 13.85
C ALA A 217 -22.27 4.12 13.69
N PRO A 218 -22.99 3.87 12.57
CA PRO A 218 -23.62 2.55 12.45
C PRO A 218 -22.60 1.41 12.51
N LEU A 219 -21.50 1.54 11.78
CA LEU A 219 -20.46 0.50 11.73
C LEU A 219 -19.86 0.32 13.08
N ARG A 220 -19.59 1.41 13.81
CA ARG A 220 -19.06 1.29 15.17
C ARG A 220 -20.02 0.46 16.07
N THR A 221 -21.31 0.72 15.92
CA THR A 221 -22.32 0.02 16.71
C THR A 221 -22.36 -1.46 16.39
N ALA A 222 -22.36 -1.81 15.10
CA ALA A 222 -22.28 -3.21 14.69
C ALA A 222 -21.04 -3.96 15.29
N LEU A 223 -19.88 -3.34 15.18
CA LEU A 223 -18.64 -3.90 15.74
C LEU A 223 -18.66 -4.02 17.27
N SER A 224 -19.26 -3.05 17.94
CA SER A 224 -19.37 -3.06 19.38
C SER A 224 -20.26 -4.28 19.83
N SER A 225 -21.33 -4.55 19.10
CA SER A 225 -22.14 -5.75 19.35
C SER A 225 -21.34 -6.98 19.03
N LEU A 226 -20.57 -6.95 17.91
CA LEU A 226 -19.75 -8.10 17.57
C LEU A 226 -18.71 -8.39 18.64
N LYS A 227 -18.02 -7.34 19.11
CA LYS A 227 -17.06 -7.45 20.18
C LYS A 227 -17.62 -8.06 21.46
N ASP A 228 -18.82 -7.62 21.85
CA ASP A 228 -19.49 -8.19 23.03
C ASP A 228 -19.76 -9.66 22.85
N PHE A 229 -20.16 -10.08 21.65
CA PHE A 229 -20.34 -11.51 21.40
C PHE A 229 -19.00 -12.33 21.39
N LEU A 230 -17.96 -11.81 20.75
CA LEU A 230 -16.71 -12.56 20.62
C LEU A 230 -15.83 -12.56 21.88
N ARG A 231 -15.82 -11.48 22.66
CA ARG A 231 -14.89 -11.36 23.77
C ARG A 231 -14.94 -12.55 24.72
N PRO A 232 -16.14 -12.96 25.17
CA PRO A 232 -16.24 -14.18 26.00
C PRO A 232 -15.90 -15.55 25.31
N ARG A 233 -15.95 -15.62 23.98
CA ARG A 233 -15.79 -16.89 23.23
C ARG A 233 -14.39 -17.18 22.65
N VAL A 234 -13.53 -16.18 22.49
CA VAL A 234 -12.19 -16.39 21.89
C VAL A 234 -11.21 -16.14 22.99
N PRO A 235 -9.93 -16.51 22.78
CA PRO A 235 -8.97 -16.28 23.87
C PRO A 235 -8.77 -14.85 24.25
N THR A 236 -8.58 -14.58 25.54
CA THR A 236 -8.14 -13.30 26.03
C THR A 236 -6.62 -13.24 26.07
N ASP A 237 -5.98 -14.41 26.08
CA ASP A 237 -4.51 -14.53 26.00
C ASP A 237 -4.03 -14.57 24.52
N ALA A 238 -2.71 -14.70 24.33
CA ALA A 238 -2.09 -14.69 23.02
C ALA A 238 -2.09 -16.05 22.28
N SER A 239 -2.79 -17.10 22.76
CA SER A 239 -2.80 -18.39 22.06
C SER A 239 -3.60 -18.39 20.74
N ILE A 240 -3.21 -19.32 19.87
CA ILE A 240 -3.84 -19.60 18.58
C ILE A 240 -4.72 -20.81 18.78
N THR A 241 -5.75 -20.65 19.61
CA THR A 241 -6.67 -21.72 19.87
C THR A 241 -8.09 -21.23 19.58
N PRO A 242 -8.99 -22.19 19.31
CA PRO A 242 -10.25 -21.83 18.73
C PRO A 242 -11.34 -21.70 19.76
N PRO A 243 -12.38 -20.93 19.48
CA PRO A 243 -12.51 -20.22 18.24
C PRO A 243 -11.58 -19.03 18.24
N LEU A 244 -11.06 -18.64 17.08
CA LEU A 244 -10.18 -17.46 17.01
C LEU A 244 -10.51 -16.54 15.82
N THR A 245 -10.24 -15.26 16.01
CA THR A 245 -10.37 -14.22 15.00
C THR A 245 -9.13 -14.22 14.11
N GLY A 246 -9.17 -14.99 13.04
CA GLY A 246 -7.99 -15.27 12.22
C GLY A 246 -7.81 -14.52 10.92
N LEU A 247 -8.89 -13.90 10.41
CA LEU A 247 -8.82 -13.11 9.20
C LEU A 247 -9.74 -11.92 9.28
N ILE A 248 -9.29 -10.85 8.64
CA ILE A 248 -10.08 -9.67 8.38
C ILE A 248 -10.19 -9.48 6.86
N GLY A 249 -11.41 -9.32 6.38
CA GLY A 249 -11.70 -9.22 4.95
C GLY A 249 -12.26 -7.86 4.56
N VAL A 250 -11.86 -7.32 3.40
CA VAL A 250 -12.48 -6.12 2.86
C VAL A 250 -12.70 -6.28 1.37
N ASP A 251 -13.60 -5.46 0.81
CA ASP A 251 -13.74 -5.28 -0.65
C ASP A 251 -12.84 -4.14 -1.09
N CYS A 252 -12.15 -4.30 -2.23
CA CYS A 252 -11.26 -3.22 -2.72
C CYS A 252 -12.10 -2.23 -3.53
N ILE A 253 -13.00 -1.55 -2.82
CA ILE A 253 -13.92 -0.55 -3.37
C ILE A 253 -13.95 0.59 -2.40
N ASP A 254 -14.66 1.64 -2.78
CA ASP A 254 -14.94 2.79 -1.92
C ASP A 254 -15.14 2.33 -0.48
N PRO A 255 -14.37 2.83 0.48
CA PRO A 255 -14.52 2.29 1.83
C PRO A 255 -15.91 2.39 2.41
N MET A 256 -16.67 3.41 2.03
CA MET A 256 -18.08 3.53 2.41
C MET A 256 -19.00 2.44 1.88
N LEU A 257 -18.64 1.76 0.80
CA LEU A 257 -19.46 0.68 0.30
C LEU A 257 -18.86 -0.71 0.62
N SER A 258 -17.65 -0.75 1.18
CA SER A 258 -17.02 -2.02 1.44
C SER A 258 -17.61 -2.76 2.61
N ARG A 259 -17.82 -4.07 2.44
CA ARG A 259 -18.14 -4.93 3.56
C ARG A 259 -16.84 -5.21 4.34
N LEU A 260 -16.87 -5.07 5.65
CA LEU A 260 -15.81 -5.51 6.57
C LEU A 260 -16.16 -6.88 7.16
N LYS A 261 -15.26 -7.85 7.03
CA LYS A 261 -15.52 -9.26 7.35
C LYS A 261 -14.59 -9.71 8.46
N VAL A 262 -15.15 -10.29 9.52
CA VAL A 262 -14.35 -10.82 10.61
C VAL A 262 -14.65 -12.31 10.61
N TYR A 263 -13.62 -13.10 10.40
N TYR A 263 -13.62 -13.11 10.37
CA TYR A 263 -13.71 -14.53 10.20
CA TYR A 263 -13.74 -14.55 10.21
C TYR A 263 -13.21 -15.25 11.43
C TYR A 263 -13.22 -15.26 11.44
N LEU A 264 -14.02 -16.15 12.01
CA LEU A 264 -13.56 -17.07 13.06
C LEU A 264 -13.24 -18.40 12.51
N ALA A 265 -12.19 -19.02 13.05
CA ALA A 265 -11.88 -20.43 12.72
C ALA A 265 -12.06 -21.26 13.97
N THR A 266 -12.71 -22.42 13.84
CA THR A 266 -12.89 -23.32 14.94
C THR A 266 -12.95 -24.76 14.46
N PHE A 267 -12.51 -25.71 15.30
CA PHE A 267 -12.61 -27.15 14.95
C PHE A 267 -13.85 -27.89 15.51
N ARG A 268 -14.57 -27.27 16.44
CA ARG A 268 -15.71 -27.88 17.12
C ARG A 268 -17.01 -27.19 16.64
N MET A 269 -17.92 -28.00 16.07
CA MET A 269 -19.19 -27.54 15.54
C MET A 269 -20.33 -28.57 15.68
N ASP A 270 -21.10 -28.46 16.77
CA ASP A 270 -22.35 -29.21 16.97
C ASP A 270 -23.56 -28.25 16.81
N LEU A 271 -24.76 -28.78 16.94
CA LEU A 271 -25.98 -28.02 16.74
C LEU A 271 -26.14 -26.81 17.66
N SER A 272 -25.77 -26.96 18.93
CA SER A 272 -25.77 -25.84 19.85
C SER A 272 -24.80 -24.73 19.42
N LEU A 273 -23.60 -25.09 18.96
CA LEU A 273 -22.61 -24.09 18.50
C LEU A 273 -23.11 -23.38 17.24
N ILE A 274 -23.63 -24.13 16.28
CA ILE A 274 -24.23 -23.52 15.10
C ILE A 274 -25.30 -22.50 15.48
N ARG A 275 -26.21 -22.89 16.37
CA ARG A 275 -27.17 -21.95 16.90
C ARG A 275 -26.55 -20.69 17.52
N ASP A 276 -25.61 -20.90 18.43
CA ASP A 276 -24.91 -19.79 19.12
C ASP A 276 -24.24 -18.78 18.12
N TYR A 277 -23.60 -19.30 17.07
CA TYR A 277 -22.90 -18.46 16.10
C TYR A 277 -23.90 -17.74 15.23
N TRP A 278 -24.88 -18.50 14.74
CA TRP A 278 -25.85 -17.98 13.80
C TRP A 278 -26.71 -16.92 14.43
N THR A 279 -27.06 -17.05 15.71
CA THR A 279 -27.99 -16.10 16.39
C THR A 279 -27.24 -15.11 17.28
N LEU A 280 -25.92 -15.17 17.26
CA LEU A 280 -25.08 -14.33 18.06
C LEU A 280 -25.54 -14.44 19.49
N GLY A 281 -25.68 -15.69 19.92
CA GLY A 281 -25.85 -16.03 21.32
C GLY A 281 -27.25 -15.72 21.85
N GLY A 282 -28.27 -15.67 20.99
CA GLY A 282 -29.62 -15.22 21.37
C GLY A 282 -29.95 -13.79 20.94
N LEU A 283 -28.93 -12.98 20.59
CA LEU A 283 -29.14 -11.63 20.09
C LEU A 283 -30.13 -11.56 18.90
N LEU A 284 -30.07 -12.50 17.96
CA LEU A 284 -30.98 -12.49 16.79
C LEU A 284 -31.99 -13.61 16.96
N THR A 285 -33.26 -13.23 17.06
CA THR A 285 -34.37 -14.11 17.36
C THR A 285 -35.50 -14.01 16.34
N ASP A 286 -35.35 -13.18 15.31
CA ASP A 286 -36.39 -12.90 14.32
C ASP A 286 -36.60 -14.07 13.33
N ALA A 287 -37.67 -14.01 12.54
CA ALA A 287 -38.10 -15.15 11.70
C ALA A 287 -37.21 -15.46 10.50
N GLY A 288 -36.55 -14.43 9.97
CA GLY A 288 -35.52 -14.61 8.91
C GLY A 288 -34.30 -15.36 9.42
N THR A 289 -33.79 -14.94 10.57
CA THR A 289 -32.67 -15.62 11.22
C THR A 289 -32.99 -17.08 11.48
N MET A 290 -34.19 -17.34 12.04
CA MET A 290 -34.60 -18.70 12.42
C MET A 290 -34.85 -19.64 11.23
N LYS A 291 -35.30 -19.09 10.11
CA LYS A 291 -35.36 -19.87 8.87
C LYS A 291 -33.95 -20.24 8.35
N GLY A 292 -33.03 -19.26 8.41
CA GLY A 292 -31.62 -19.53 8.06
C GLY A 292 -31.06 -20.66 8.91
N LEU A 293 -31.38 -20.61 10.19
CA LEU A 293 -30.85 -21.59 11.13
C LEU A 293 -31.35 -23.02 10.79
N GLU A 294 -32.64 -23.18 10.44
CA GLU A 294 -33.10 -24.53 10.03
C GLU A 294 -32.31 -25.08 8.82
N MET A 295 -32.12 -24.22 7.83
CA MET A 295 -31.34 -24.50 6.62
C MET A 295 -29.93 -25.02 6.97
N VAL A 296 -29.27 -24.31 7.86
CA VAL A 296 -27.88 -24.63 8.23
C VAL A 296 -27.85 -25.93 9.01
N GLU A 297 -28.83 -26.11 9.90
CA GLU A 297 -28.96 -27.37 10.62
C GLU A 297 -29.22 -28.51 9.69
N THR A 298 -30.06 -28.32 8.69
CA THR A 298 -30.34 -29.38 7.72
C THR A 298 -29.09 -29.74 6.91
N LEU A 299 -28.32 -28.71 6.49
CA LEU A 299 -27.04 -28.92 5.81
C LEU A 299 -26.10 -29.73 6.67
N ALA A 300 -25.89 -29.31 7.93
CA ALA A 300 -24.96 -30.09 8.80
C ALA A 300 -25.35 -31.60 8.90
N LYS A 301 -26.63 -31.83 9.15
CA LYS A 301 -27.20 -33.19 9.15
C LYS A 301 -26.93 -33.94 7.81
N THR A 302 -27.22 -33.32 6.68
CA THR A 302 -27.03 -33.99 5.38
C THR A 302 -25.57 -34.37 5.05
N LEU A 303 -24.58 -33.75 5.71
CA LEU A 303 -23.15 -34.03 5.42
C LEU A 303 -22.46 -35.00 6.42
N ARG A 317 -8.17 -32.59 8.08
CA ARG A 317 -9.33 -31.75 8.01
C ARG A 317 -9.02 -30.29 8.34
N LEU A 318 -9.89 -29.43 7.87
CA LEU A 318 -9.76 -27.98 8.02
C LEU A 318 -10.73 -27.51 9.09
N PRO A 319 -10.49 -26.31 9.64
CA PRO A 319 -11.46 -25.77 10.61
C PRO A 319 -12.78 -25.37 9.98
N PHE A 320 -13.82 -25.25 10.78
CA PHE A 320 -15.02 -24.57 10.37
C PHE A 320 -14.70 -23.07 10.34
N GLY A 321 -15.43 -22.33 9.50
CA GLY A 321 -15.31 -20.88 9.45
C GLY A 321 -16.65 -20.25 9.78
N ILE A 322 -16.61 -19.07 10.41
CA ILE A 322 -17.79 -18.29 10.70
C ILE A 322 -17.40 -16.89 10.37
N ASN A 323 -18.12 -16.27 9.49
CA ASN A 323 -17.74 -15.00 8.92
C ASN A 323 -18.86 -13.98 9.17
N TYR A 324 -18.60 -13.01 10.03
CA TYR A 324 -19.52 -11.90 10.29
C TYR A 324 -19.15 -10.73 9.39
N ALA A 325 -20.07 -10.36 8.52
CA ALA A 325 -19.85 -9.36 7.48
C ALA A 325 -20.66 -8.10 7.77
N MET A 326 -19.97 -6.96 7.90
CA MET A 326 -20.57 -5.69 8.29
C MET A 326 -20.32 -4.59 7.26
N LYS A 327 -21.30 -3.73 7.04
CA LYS A 327 -21.27 -2.74 5.95
C LYS A 327 -21.47 -1.37 6.59
N PRO A 328 -20.70 -0.31 6.18
CA PRO A 328 -20.97 1.03 6.66
C PRO A 328 -22.40 1.48 6.39
N GLY A 329 -22.99 2.20 7.33
CA GLY A 329 -24.41 2.58 7.26
C GLY A 329 -25.40 1.55 7.81
N THR A 330 -24.96 0.34 8.19
CA THR A 330 -25.83 -0.64 8.87
C THR A 330 -25.34 -0.79 10.32
N ALA A 331 -26.24 -0.54 11.27
CA ALA A 331 -25.95 -0.65 12.71
C ALA A 331 -26.13 -2.06 13.31
N GLU A 332 -26.96 -2.87 12.71
CA GLU A 332 -27.32 -4.14 13.32
C GLU A 332 -26.54 -5.27 12.64
N LEU A 333 -26.10 -6.24 13.43
CA LEU A 333 -25.52 -7.45 12.89
C LEU A 333 -26.55 -8.33 12.23
N ALA A 334 -26.11 -9.00 11.17
CA ALA A 334 -26.83 -10.02 10.48
C ALA A 334 -26.23 -11.40 10.86
N PRO A 335 -26.97 -12.49 10.53
CA PRO A 335 -26.35 -13.81 10.74
C PRO A 335 -25.04 -13.95 9.88
N PRO A 336 -24.04 -14.72 10.37
CA PRO A 336 -22.81 -14.94 9.59
C PRO A 336 -23.02 -15.87 8.42
N GLN A 337 -22.00 -16.00 7.59
CA GLN A 337 -21.87 -17.12 6.71
C GLN A 337 -21.07 -18.23 7.45
N ILE A 338 -21.53 -19.47 7.39
CA ILE A 338 -20.83 -20.60 8.02
C ILE A 338 -20.23 -21.45 6.93
N TYR A 339 -18.97 -21.86 7.15
CA TYR A 339 -18.20 -22.62 6.17
C TYR A 339 -17.94 -24.00 6.71
N PHE A 340 -18.42 -25.00 6.00
CA PHE A 340 -18.14 -26.40 6.31
C PHE A 340 -16.90 -26.89 5.56
N PRO A 341 -15.92 -27.52 6.26
CA PRO A 341 -14.72 -27.99 5.58
C PRO A 341 -15.00 -29.36 5.00
N LEU A 342 -14.53 -29.60 3.77
CA LEU A 342 -14.89 -30.81 3.07
C LEU A 342 -13.68 -31.66 2.69
N LEU A 343 -12.50 -31.15 2.98
CA LEU A 343 -11.24 -31.83 2.63
C LEU A 343 -11.27 -33.22 3.32
N GLY A 344 -10.93 -34.28 2.59
CA GLY A 344 -10.96 -35.63 3.19
C GLY A 344 -12.27 -36.42 3.06
N ILE A 345 -13.34 -35.78 2.63
CA ILE A 345 -14.62 -36.44 2.38
C ILE A 345 -14.73 -36.68 0.83
N ASN A 346 -15.14 -37.89 0.44
CA ASN A 346 -15.25 -38.27 -0.95
C ASN A 346 -16.16 -37.30 -1.72
N ASP A 347 -15.70 -36.95 -2.91
CA ASP A 347 -16.35 -35.91 -3.68
C ASP A 347 -17.67 -36.38 -4.31
N GLY A 348 -17.75 -37.67 -4.66
CA GLY A 348 -19.05 -38.33 -5.04
C GLY A 348 -20.11 -38.24 -3.92
N PHE A 349 -19.72 -38.59 -2.71
CA PHE A 349 -20.62 -38.37 -1.55
C PHE A 349 -21.09 -36.91 -1.37
N ILE A 350 -20.13 -35.98 -1.42
CA ILE A 350 -20.47 -34.55 -1.28
C ILE A 350 -21.43 -34.11 -2.35
N ALA A 351 -21.22 -34.54 -3.56
CA ALA A 351 -22.18 -34.25 -4.62
C ALA A 351 -23.61 -34.78 -4.33
N ASP A 352 -23.71 -36.03 -3.85
CA ASP A 352 -25.03 -36.62 -3.50
C ASP A 352 -25.67 -35.82 -2.38
N ALA A 353 -24.87 -35.46 -1.37
CA ALA A 353 -25.37 -34.62 -0.26
C ALA A 353 -25.86 -33.26 -0.71
N LEU A 354 -25.13 -32.63 -1.61
CA LEU A 354 -25.55 -31.33 -2.11
C LEU A 354 -26.85 -31.44 -2.92
N VAL A 355 -26.99 -32.50 -3.73
CA VAL A 355 -28.23 -32.72 -4.52
C VAL A 355 -29.46 -32.78 -3.55
N GLU A 356 -29.30 -33.52 -2.47
CA GLU A 356 -30.33 -33.67 -1.43
C GLU A 356 -30.64 -32.33 -0.75
N PHE A 357 -29.59 -31.62 -0.38
CA PHE A 357 -29.78 -30.27 0.15
C PHE A 357 -30.48 -29.32 -0.84
N PHE A 358 -30.10 -29.37 -2.11
CA PHE A 358 -30.76 -28.58 -3.10
C PHE A 358 -32.28 -28.92 -3.24
N GLN A 359 -32.62 -30.20 -3.12
CA GLN A 359 -34.04 -30.63 -3.16
C GLN A 359 -34.75 -30.09 -1.93
N TYR A 360 -34.14 -30.25 -0.76
CA TYR A 360 -34.64 -29.62 0.46
C TYR A 360 -34.94 -28.12 0.31
N MET A 361 -34.03 -27.36 -0.29
CA MET A 361 -34.26 -25.92 -0.57
C MET A 361 -35.33 -25.62 -1.64
N GLY A 362 -35.81 -26.66 -2.36
CA GLY A 362 -36.64 -26.44 -3.55
C GLY A 362 -35.87 -25.86 -4.73
N TRP A 363 -34.55 -26.06 -4.78
CA TRP A 363 -33.76 -25.66 -5.96
C TRP A 363 -33.67 -26.88 -6.85
N GLU A 364 -34.79 -27.19 -7.51
CA GLU A 364 -34.88 -28.41 -8.32
C GLU A 364 -33.92 -28.39 -9.51
N ASP A 365 -33.76 -27.25 -10.13
CA ASP A 365 -32.90 -27.19 -11.28
C ASP A 365 -31.44 -27.41 -10.86
N GLN A 366 -31.01 -26.76 -9.79
CA GLN A 366 -29.65 -26.97 -9.23
C GLN A 366 -29.39 -28.43 -8.85
N ALA A 367 -30.37 -29.05 -8.18
CA ALA A 367 -30.31 -30.51 -7.86
C ALA A 367 -30.11 -31.43 -9.06
N ASN A 368 -30.86 -31.16 -10.12
CA ASN A 368 -30.84 -32.02 -11.28
C ASN A 368 -29.57 -31.90 -12.10
N ARG A 369 -28.91 -30.76 -12.03
CA ARG A 369 -27.71 -30.56 -12.86
C ARG A 369 -26.37 -30.76 -12.08
N TYR A 370 -26.40 -30.77 -10.75
CA TYR A 370 -25.18 -30.58 -9.98
C TYR A 370 -24.11 -31.63 -10.27
N LYS A 371 -24.49 -32.90 -10.29
CA LYS A 371 -23.48 -33.97 -10.54
C LYS A 371 -22.93 -34.03 -11.96
N ASP A 372 -23.80 -33.94 -12.94
CA ASP A 372 -23.29 -33.94 -14.33
C ASP A 372 -22.39 -32.72 -14.62
N GLU A 373 -22.78 -31.56 -14.12
CA GLU A 373 -21.90 -30.39 -14.29
C GLU A 373 -20.55 -30.53 -13.52
N LEU A 374 -20.56 -31.21 -12.38
CA LEU A 374 -19.37 -31.42 -11.58
C LEU A 374 -18.39 -32.25 -12.35
N LYS A 375 -18.92 -33.33 -12.95
CA LYS A 375 -18.15 -34.16 -13.83
C LYS A 375 -17.53 -33.44 -15.01
N ALA A 376 -18.35 -32.65 -15.69
CA ALA A 376 -17.91 -31.89 -16.82
C ALA A 376 -16.92 -30.72 -16.42
N LYS A 377 -16.99 -30.15 -15.20
CA LYS A 377 -16.01 -29.12 -14.72
C LYS A 377 -14.63 -29.73 -14.63
N PHE A 378 -14.58 -31.00 -14.24
CA PHE A 378 -13.30 -31.68 -13.96
C PHE A 378 -13.09 -32.94 -14.83
N PRO A 379 -13.07 -32.80 -16.17
CA PRO A 379 -13.02 -33.97 -17.10
C PRO A 379 -11.74 -34.86 -17.08
N ASN A 380 -10.59 -34.31 -16.66
CA ASN A 380 -9.31 -35.04 -16.72
C ASN A 380 -9.02 -35.85 -15.46
N VAL A 381 -10.01 -35.92 -14.58
CA VAL A 381 -9.89 -36.66 -13.33
C VAL A 381 -11.24 -37.21 -13.09
N ASP A 382 -11.29 -38.43 -12.59
CA ASP A 382 -12.58 -38.97 -12.13
C ASP A 382 -12.95 -38.39 -10.76
N ILE A 383 -13.88 -37.43 -10.74
CA ILE A 383 -14.28 -36.74 -9.49
C ILE A 383 -14.95 -37.62 -8.46
N SER A 384 -15.53 -38.74 -8.87
CA SER A 384 -16.07 -39.70 -7.92
C SER A 384 -14.98 -40.42 -7.06
N GLN A 385 -13.74 -40.51 -7.55
CA GLN A 385 -12.63 -41.14 -6.78
C GLN A 385 -11.90 -40.15 -5.86
N THR A 386 -12.02 -38.84 -6.09
CA THR A 386 -11.17 -37.90 -5.35
C THR A 386 -11.82 -37.53 -4.00
N LYS A 387 -11.00 -37.08 -3.06
CA LYS A 387 -11.43 -36.56 -1.76
C LYS A 387 -10.96 -35.10 -1.51
N ASN A 388 -10.30 -34.47 -2.48
CA ASN A 388 -9.70 -33.15 -2.29
C ASN A 388 -10.32 -32.00 -3.10
N VAL A 389 -11.24 -32.32 -3.99
CA VAL A 389 -11.76 -31.35 -4.97
C VAL A 389 -12.71 -30.30 -4.36
N HIS A 390 -13.75 -30.71 -3.64
CA HIS A 390 -14.52 -29.79 -2.81
C HIS A 390 -13.71 -29.51 -1.56
N ARG A 391 -13.46 -28.25 -1.28
CA ARG A 391 -12.63 -27.92 -0.16
C ARG A 391 -13.47 -27.34 0.92
N TRP A 392 -14.41 -26.47 0.53
CA TRP A 392 -15.25 -25.76 1.48
C TRP A 392 -16.64 -25.60 0.89
N LEU A 393 -17.59 -25.49 1.79
CA LEU A 393 -18.94 -25.10 1.46
C LEU A 393 -19.37 -24.02 2.46
N GLY A 394 -19.83 -22.88 1.96
CA GLY A 394 -20.34 -21.80 2.83
C GLY A 394 -21.81 -21.65 2.58
N VAL A 395 -22.55 -21.32 3.61
CA VAL A 395 -23.97 -21.08 3.48
C VAL A 395 -24.36 -19.81 4.22
N ALA A 396 -25.32 -19.05 3.64
CA ALA A 396 -25.78 -17.79 4.20
C ALA A 396 -27.25 -17.62 3.93
N TYR A 397 -27.87 -16.73 4.67
CA TYR A 397 -29.24 -16.29 4.44
C TYR A 397 -29.26 -14.77 4.63
N SER A 398 -29.72 -14.03 3.64
CA SER A 398 -29.94 -12.57 3.78
C SER A 398 -31.42 -12.25 3.74
N GLU A 399 -31.80 -11.22 4.48
CA GLU A 399 -33.18 -10.79 4.46
C GLU A 399 -33.53 -10.26 3.08
N THR A 400 -32.68 -9.41 2.53
CA THR A 400 -32.91 -8.81 1.21
C THR A 400 -32.61 -9.59 -0.10
N LYS A 401 -31.85 -10.68 0.00
CA LYS A 401 -31.22 -11.51 -1.02
C LYS A 401 -31.65 -12.99 -1.06
N GLY A 402 -32.00 -13.54 0.09
CA GLY A 402 -32.44 -14.93 0.19
C GLY A 402 -31.30 -15.86 0.63
N PRO A 403 -31.50 -17.17 0.50
CA PRO A 403 -30.44 -18.09 0.88
C PRO A 403 -29.29 -18.18 -0.18
N SER A 404 -28.09 -18.50 0.26
CA SER A 404 -27.01 -18.73 -0.67
C SER A 404 -26.08 -19.83 -0.27
N MET A 405 -25.39 -20.39 -1.26
CA MET A 405 -24.36 -21.39 -1.04
C MET A 405 -23.11 -21.08 -1.87
N ASN A 406 -21.95 -21.13 -1.23
CA ASN A 406 -20.67 -20.98 -1.90
C ASN A 406 -19.96 -22.32 -1.90
N ILE A 407 -19.54 -22.80 -3.07
CA ILE A 407 -18.78 -24.01 -3.12
C ILE A 407 -17.37 -23.72 -3.65
N TYR A 408 -16.35 -24.18 -2.94
CA TYR A 408 -14.97 -23.81 -3.21
C TYR A 408 -14.25 -25.04 -3.63
N TYR A 409 -13.65 -25.00 -4.82
CA TYR A 409 -12.99 -26.11 -5.39
C TYR A 409 -11.46 -25.90 -5.50
N ASP A 410 -10.72 -26.95 -5.19
CA ASP A 410 -9.28 -27.06 -5.45
C ASP A 410 -9.14 -27.44 -6.93
N VAL A 411 -9.15 -26.44 -7.80
CA VAL A 411 -9.11 -26.70 -9.23
C VAL A 411 -7.98 -27.60 -9.59
N VAL A 412 -6.79 -27.34 -9.02
CA VAL A 412 -5.60 -28.12 -9.44
C VAL A 412 -5.80 -29.61 -9.09
N ALA A 413 -6.35 -29.87 -7.90
CA ALA A 413 -6.62 -31.26 -7.48
C ALA A 413 -7.64 -31.92 -8.43
N GLY A 414 -8.53 -31.12 -9.02
CA GLY A 414 -9.46 -31.61 -10.03
C GLY A 414 -8.96 -31.79 -11.45
N ASN A 415 -7.68 -31.52 -11.66
CA ASN A 415 -7.12 -31.57 -12.96
C ASN A 415 -5.88 -32.37 -13.07
N VAL A 416 -5.20 -32.70 -11.98
CA VAL A 416 -3.84 -33.28 -12.14
C VAL A 416 -4.01 -34.79 -12.07
N ARG B 6 35.80 6.45 -14.84
CA ARG B 6 34.94 7.10 -13.85
C ARG B 6 33.68 6.27 -13.65
N PRO B 7 33.22 6.16 -12.42
CA PRO B 7 32.10 5.17 -12.16
C PRO B 7 30.83 5.34 -13.01
N TRP B 8 30.42 6.58 -13.31
CA TRP B 8 29.20 6.80 -14.06
C TRP B 8 29.38 6.31 -15.49
N GLN B 9 30.62 6.39 -15.97
CA GLN B 9 30.99 6.00 -17.32
C GLN B 9 31.11 4.52 -17.42
N ILE B 10 31.75 3.90 -16.43
CA ILE B 10 31.87 2.46 -16.34
C ILE B 10 30.53 1.78 -16.32
N LEU B 11 29.60 2.29 -15.55
CA LEU B 11 28.28 1.71 -15.47
C LEU B 11 27.47 1.82 -16.77
N SER B 12 27.58 2.95 -17.46
CA SER B 12 27.04 3.14 -18.78
C SER B 12 27.53 2.03 -19.73
N GLN B 13 28.84 1.88 -19.79
CA GLN B 13 29.47 0.84 -20.60
C GLN B 13 29.01 -0.59 -20.27
N ALA B 14 28.87 -0.88 -18.98
CA ALA B 14 28.54 -2.22 -18.50
C ALA B 14 27.07 -2.55 -18.69
N LEU B 15 26.21 -1.55 -18.44
CA LEU B 15 24.79 -1.73 -18.29
C LEU B 15 23.96 -1.36 -19.51
N GLY B 16 24.42 -0.36 -20.22
CA GLY B 16 23.58 0.27 -21.22
C GLY B 16 22.27 0.77 -20.69
N PHE B 17 21.33 0.87 -21.60
CA PHE B 17 20.02 1.46 -21.32
C PHE B 17 18.88 0.61 -21.97
N PRO B 18 17.79 0.37 -21.25
CA PRO B 18 16.63 -0.33 -21.83
C PRO B 18 15.90 0.51 -22.89
N ASN B 19 15.96 1.83 -22.80
CA ASN B 19 15.27 2.71 -23.71
C ASN B 19 15.96 4.06 -23.67
N TYR B 20 15.54 4.90 -24.58
CA TYR B 20 16.21 6.15 -24.85
C TYR B 20 15.98 7.18 -23.75
N ASP B 21 14.79 7.17 -23.14
CA ASP B 21 14.52 8.01 -22.05
C ASP B 21 15.46 7.76 -20.89
N GLN B 22 15.71 6.48 -20.56
CA GLN B 22 16.66 6.21 -19.50
C GLN B 22 18.04 6.69 -19.87
N GLU B 23 18.44 6.48 -21.11
CA GLU B 23 19.78 6.99 -21.61
C GLU B 23 19.91 8.48 -21.42
N LEU B 24 18.89 9.24 -21.83
CA LEU B 24 18.92 10.68 -21.69
C LEU B 24 18.93 11.15 -20.22
N TRP B 25 18.16 10.50 -19.35
CA TRP B 25 18.24 10.81 -17.97
C TRP B 25 19.67 10.61 -17.44
N TRP B 26 20.29 9.49 -17.80
CA TRP B 26 21.66 9.29 -17.39
C TRP B 26 22.61 10.35 -17.92
N GLN B 27 22.45 10.71 -19.20
CA GLN B 27 23.34 11.67 -19.84
C GLN B 27 23.16 13.07 -19.24
N ASN B 28 22.05 13.34 -18.58
CA ASN B 28 21.76 14.62 -18.00
C ASN B 28 21.78 14.64 -16.47
N THR B 29 22.09 13.53 -15.80
CA THR B 29 22.15 13.59 -14.38
C THR B 29 23.30 12.84 -13.73
N ALA B 30 23.85 11.81 -14.36
CA ALA B 30 24.69 10.86 -13.67
C ALA B 30 26.11 11.36 -13.42
N GLU B 31 26.65 12.08 -14.38
CA GLU B 31 27.94 12.73 -14.21
C GLU B 31 27.89 13.66 -13.00
N THR B 32 26.87 14.50 -12.96
CA THR B 32 26.64 15.40 -11.78
C THR B 32 26.56 14.60 -10.48
N LEU B 33 25.73 13.56 -10.43
CA LEU B 33 25.63 12.80 -9.21
C LEU B 33 26.96 12.20 -8.78
N ASN B 34 27.73 11.68 -9.76
CA ASN B 34 29.00 11.06 -9.43
C ASN B 34 29.96 12.16 -8.86
N ARG B 35 29.88 13.35 -9.43
CA ARG B 35 30.64 14.52 -8.95
C ARG B 35 30.27 14.87 -7.52
N VAL B 36 28.96 14.91 -7.22
CA VAL B 36 28.51 15.16 -5.87
C VAL B 36 29.02 14.13 -4.89
N LEU B 37 28.88 12.86 -5.21
CA LEU B 37 29.32 11.85 -4.34
C LEU B 37 30.89 11.96 -4.10
N GLU B 38 31.67 12.25 -5.14
CA GLU B 38 33.13 12.46 -5.05
C GLU B 38 33.44 13.63 -4.07
N GLN B 39 32.70 14.72 -4.20
CA GLN B 39 32.94 15.94 -3.45
C GLN B 39 32.55 15.81 -2.00
N CYS B 40 31.52 15.00 -1.71
CA CYS B 40 31.13 14.69 -0.33
C CYS B 40 31.97 13.56 0.29
N ASP B 41 33.06 13.15 -0.39
CA ASP B 41 34.02 12.15 0.11
C ASP B 41 33.39 10.74 0.34
N TYR B 42 32.49 10.31 -0.56
CA TYR B 42 32.09 8.89 -0.55
C TYR B 42 33.22 8.11 -1.20
N SER B 43 33.55 6.96 -0.69
CA SER B 43 34.52 6.09 -1.28
C SER B 43 34.07 5.69 -2.70
N VAL B 44 35.01 5.12 -3.44
CA VAL B 44 34.74 4.66 -4.80
C VAL B 44 33.70 3.53 -4.76
N HIS B 45 33.84 2.56 -3.84
CA HIS B 45 32.89 1.49 -3.70
C HIS B 45 31.43 2.02 -3.45
N LEU B 46 31.32 3.11 -2.71
CA LEU B 46 30.01 3.72 -2.49
C LEU B 46 29.51 4.52 -3.67
N GLN B 47 30.42 5.14 -4.42
CA GLN B 47 30.05 5.71 -5.67
C GLN B 47 29.41 4.67 -6.62
N TYR B 48 30.07 3.54 -6.80
CA TYR B 48 29.52 2.43 -7.56
C TYR B 48 28.22 1.93 -6.98
N LYS B 49 28.15 1.81 -5.67
CA LYS B 49 26.92 1.32 -5.04
C LYS B 49 25.74 2.18 -5.42
N TYR B 50 25.93 3.50 -5.33
CA TYR B 50 24.84 4.42 -5.45
C TYR B 50 24.45 4.68 -6.92
N LEU B 51 25.48 4.69 -7.76
CA LEU B 51 25.31 4.88 -9.16
C LEU B 51 24.67 3.66 -9.80
N ALA B 52 25.03 2.46 -9.36
CA ALA B 52 24.40 1.23 -9.88
C ALA B 52 22.93 1.10 -9.44
N PHE B 53 22.67 1.42 -8.17
CA PHE B 53 21.34 1.58 -7.64
C PHE B 53 20.50 2.56 -8.44
N TYR B 54 21.07 3.72 -8.70
CA TYR B 54 20.39 4.79 -9.43
C TYR B 54 20.01 4.29 -10.83
N HIS B 55 20.93 3.58 -11.48
CA HIS B 55 20.67 3.03 -12.81
C HIS B 55 19.51 1.97 -12.84
N LYS B 56 19.55 1.04 -11.91
CA LYS B 56 18.63 -0.09 -11.88
C LYS B 56 17.26 0.30 -11.36
N TYR B 57 17.19 1.13 -10.30
CA TYR B 57 15.94 1.45 -9.62
C TYR B 57 15.34 2.81 -9.94
N ILE B 58 16.19 3.81 -10.17
CA ILE B 58 15.68 5.15 -10.28
C ILE B 58 15.44 5.56 -11.71
N LEU B 59 16.38 5.28 -12.62
CA LEU B 59 16.14 5.57 -14.02
C LEU B 59 14.76 5.14 -14.55
N PRO B 60 14.35 3.86 -14.36
CA PRO B 60 13.01 3.49 -14.86
C PRO B 60 11.88 4.20 -14.15
N SER B 61 12.07 4.65 -12.92
CA SER B 61 11.02 5.38 -12.20
C SER B 61 10.82 6.81 -12.66
N LEU B 62 11.79 7.34 -13.40
CA LEU B 62 11.79 8.77 -13.72
C LEU B 62 10.96 9.08 -14.94
N GLY B 63 10.50 8.07 -15.65
CA GLY B 63 9.57 8.29 -16.77
C GLY B 63 10.28 8.88 -17.97
N PRO B 64 9.52 9.48 -18.88
CA PRO B 64 10.10 10.09 -20.03
C PRO B 64 10.88 11.33 -19.69
N PHE B 65 11.87 11.62 -20.51
CA PHE B 65 12.72 12.77 -20.34
C PHE B 65 12.17 13.88 -21.21
N ARG B 66 11.46 14.82 -20.58
CA ARG B 66 10.86 15.95 -21.28
C ARG B 66 11.92 16.73 -21.99
N ARG B 67 11.65 17.07 -23.24
CA ARG B 67 12.65 17.72 -24.08
C ARG B 67 11.89 18.28 -25.30
N PRO B 68 12.54 19.15 -26.09
CA PRO B 68 11.88 19.72 -27.26
C PRO B 68 11.37 18.65 -28.21
N GLY B 69 10.09 18.68 -28.54
CA GLY B 69 9.48 17.76 -29.46
C GLY B 69 8.76 16.60 -28.75
N VAL B 70 9.02 16.42 -27.45
CA VAL B 70 8.46 15.27 -26.66
C VAL B 70 7.92 15.75 -25.33
N GLU B 71 6.62 15.88 -25.29
CA GLU B 71 5.92 16.45 -24.17
C GLU B 71 5.26 15.28 -23.42
N PRO B 72 5.79 14.93 -22.22
CA PRO B 72 5.17 13.84 -21.42
C PRO B 72 3.75 14.16 -21.02
N GLU B 73 2.94 13.14 -20.77
CA GLU B 73 1.63 13.33 -20.21
C GLU B 73 1.72 13.84 -18.76
N TYR B 74 2.80 13.52 -18.03
CA TYR B 74 2.90 13.94 -16.63
C TYR B 74 4.01 14.97 -16.52
N ILE B 75 3.70 16.10 -15.90
CA ILE B 75 4.64 17.21 -15.74
C ILE B 75 4.84 17.37 -14.25
N SER B 76 6.09 17.31 -13.80
CA SER B 76 6.32 17.39 -12.38
C SER B 76 6.55 18.84 -11.97
N GLY B 77 6.15 19.15 -10.74
CA GLY B 77 6.50 20.42 -10.10
C GLY B 77 7.87 20.44 -9.46
N LEU B 78 8.65 19.35 -9.54
CA LEU B 78 9.94 19.31 -8.81
C LEU B 78 11.06 20.16 -9.36
N SER B 79 10.94 20.61 -10.60
CA SER B 79 12.01 21.28 -11.31
C SER B 79 11.43 22.26 -12.30
N HIS B 80 12.28 23.14 -12.84
CA HIS B 80 11.84 24.20 -13.74
C HIS B 80 11.39 23.62 -15.09
N GLY B 81 12.09 22.63 -15.59
CA GLY B 81 11.69 22.03 -16.85
C GLY B 81 10.63 20.93 -16.75
N GLY B 82 10.05 20.67 -15.58
CA GLY B 82 9.03 19.63 -15.43
C GLY B 82 9.51 18.18 -15.22
N HIS B 83 10.82 18.03 -15.04
CA HIS B 83 11.49 16.78 -14.76
C HIS B 83 11.29 16.40 -13.31
N PRO B 84 10.85 15.15 -13.03
CA PRO B 84 10.59 14.73 -11.64
C PRO B 84 11.84 14.31 -10.82
N LEU B 85 12.90 15.17 -10.81
CA LEU B 85 14.10 14.85 -10.09
C LEU B 85 14.72 16.15 -9.50
N GLU B 86 15.30 16.00 -8.31
CA GLU B 86 16.18 16.98 -7.71
C GLU B 86 17.29 16.21 -7.01
N ILE B 87 18.46 16.79 -6.88
CA ILE B 87 19.53 16.23 -6.09
C ILE B 87 19.76 17.33 -5.02
N SER B 88 19.96 16.89 -3.78
CA SER B 88 20.19 17.82 -2.67
C SER B 88 21.38 17.38 -1.85
N VAL B 89 21.97 18.35 -1.13
CA VAL B 89 23.04 18.07 -0.20
C VAL B 89 22.60 18.56 1.16
N LYS B 90 22.95 17.83 2.18
CA LYS B 90 22.75 18.26 3.54
C LYS B 90 24.12 18.52 4.10
N ILE B 91 24.35 19.76 4.49
CA ILE B 91 25.68 20.22 4.91
C ILE B 91 25.68 20.46 6.42
N ASP B 92 26.60 19.79 7.13
CA ASP B 92 27.13 20.19 8.47
C ASP B 92 28.47 20.89 8.39
N LYS B 93 28.92 21.32 9.56
CA LYS B 93 30.33 21.63 9.82
C LYS B 93 31.32 20.57 9.25
N SER B 94 31.15 19.31 9.67
CA SER B 94 32.08 18.23 9.32
C SER B 94 31.82 17.44 8.03
N LYS B 95 30.55 17.08 7.73
CA LYS B 95 30.22 16.20 6.59
C LYS B 95 29.15 16.79 5.69
N THR B 96 29.07 16.23 4.48
CA THR B 96 27.99 16.50 3.57
C THR B 96 27.40 15.18 3.06
N ILE B 97 26.07 15.14 3.05
CA ILE B 97 25.29 13.96 2.67
C ILE B 97 24.58 14.32 1.38
N CYS B 98 24.60 13.41 0.43
CA CYS B 98 23.86 13.56 -0.85
C CYS B 98 22.49 12.90 -0.72
N ARG B 99 21.45 13.50 -1.26
CA ARG B 99 20.14 12.89 -1.32
C ARG B 99 19.51 13.08 -2.70
N LEU B 100 18.64 12.15 -3.12
CA LEU B 100 17.84 12.29 -4.32
C LEU B 100 16.38 12.56 -3.90
N GLY B 101 15.68 13.46 -4.60
CA GLY B 101 14.22 13.62 -4.46
C GLY B 101 13.61 13.32 -5.83
N LEU B 102 12.54 12.55 -5.87
CA LEU B 102 11.91 12.28 -7.13
C LEU B 102 10.41 12.04 -6.96
N GLN B 103 9.72 12.02 -8.11
CA GLN B 103 8.40 11.33 -8.17
C GLN B 103 8.55 10.18 -9.10
N ALA B 104 8.08 9.02 -8.68
CA ALA B 104 8.25 7.81 -9.46
C ALA B 104 7.03 7.77 -10.37
N ILE B 105 7.29 7.87 -11.69
CA ILE B 105 6.26 8.12 -12.71
C ILE B 105 5.72 6.80 -13.24
N GLY B 106 4.47 6.49 -12.96
CA GLY B 106 3.88 5.27 -13.52
C GLY B 106 3.69 5.43 -15.05
N PRO B 107 3.48 4.32 -15.73
CA PRO B 107 3.36 4.36 -17.17
C PRO B 107 2.05 4.85 -17.77
N LEU B 108 1.04 5.09 -16.95
CA LEU B 108 -0.20 5.74 -17.37
C LEU B 108 -0.42 7.09 -16.64
N ALA B 109 0.60 7.57 -15.90
CA ALA B 109 0.50 8.81 -15.18
C ALA B 109 0.03 9.95 -16.03
N GLY B 110 -0.85 10.76 -15.46
CA GLY B 110 -1.35 11.99 -16.10
C GLY B 110 -2.39 11.67 -17.19
N THR B 111 -2.96 10.44 -17.18
CA THR B 111 -4.01 10.05 -18.11
C THR B 111 -5.15 9.48 -17.31
N ALA B 112 -6.25 9.14 -17.99
CA ALA B 112 -7.46 8.78 -17.25
C ALA B 112 -7.30 7.57 -16.31
N ARG B 113 -6.44 6.62 -16.66
CA ARG B 113 -6.23 5.43 -15.79
C ARG B 113 -5.40 5.73 -14.58
N ASP B 114 -4.77 6.92 -14.51
CA ASP B 114 -3.90 7.28 -13.34
C ASP B 114 -3.67 8.83 -13.25
N PRO B 115 -4.76 9.61 -12.95
CA PRO B 115 -4.65 11.07 -13.13
C PRO B 115 -3.66 11.78 -12.22
N LEU B 116 -3.38 11.25 -11.03
CA LEU B 116 -2.47 11.87 -10.09
C LEU B 116 -1.22 11.08 -9.78
N ASN B 117 -0.85 10.19 -10.68
CA ASN B 117 0.34 9.36 -10.51
C ASN B 117 0.38 8.68 -9.16
N SER B 118 -0.65 7.87 -8.90
CA SER B 118 -0.87 7.32 -7.56
C SER B 118 -0.10 6.06 -7.21
N PHE B 119 0.56 5.43 -8.18
CA PHE B 119 1.05 4.05 -8.01
C PHE B 119 2.57 3.94 -8.13
N GLY B 120 3.22 4.85 -8.88
CA GLY B 120 4.64 4.69 -9.18
C GLY B 120 5.51 4.66 -7.91
N ASP B 121 5.21 5.51 -6.96
CA ASP B 121 6.04 5.63 -5.74
C ASP B 121 5.98 4.33 -4.90
N ARG B 122 4.81 3.76 -4.74
CA ARG B 122 4.64 2.50 -3.96
C ARG B 122 5.33 1.35 -4.73
N GLU B 123 5.27 1.36 -6.04
CA GLU B 123 5.96 0.32 -6.80
C GLU B 123 7.49 0.39 -6.60
N LEU B 124 8.07 1.60 -6.67
CA LEU B 124 9.46 1.78 -6.33
C LEU B 124 9.73 1.27 -4.91
N LEU B 125 8.88 1.63 -3.96
CA LEU B 125 9.17 1.25 -2.57
C LEU B 125 9.12 -0.24 -2.32
N LYS B 126 8.23 -0.92 -3.02
CA LYS B 126 8.14 -2.37 -2.99
C LYS B 126 9.47 -2.99 -3.48
N ASN B 127 9.99 -2.53 -4.61
CA ASN B 127 11.34 -2.95 -5.07
C ASN B 127 12.45 -2.64 -4.07
N LEU B 128 12.42 -1.50 -3.47
CA LEU B 128 13.31 -1.16 -2.38
C LEU B 128 13.18 -2.10 -1.16
N ALA B 129 11.99 -2.61 -0.88
CA ALA B 129 11.79 -3.47 0.30
C ALA B 129 12.35 -4.88 0.12
N THR B 130 12.41 -5.39 -1.12
CA THR B 130 13.13 -6.62 -1.36
C THR B 130 14.63 -6.37 -1.54
N LEU B 131 15.04 -5.14 -1.88
CA LEU B 131 16.44 -4.80 -1.99
C LEU B 131 17.08 -4.58 -0.64
N LEU B 132 16.41 -3.83 0.22
CA LEU B 132 17.00 -3.26 1.44
C LEU B 132 16.33 -3.87 2.71
N PRO B 133 17.10 -4.50 3.61
CA PRO B 133 16.52 -5.16 4.83
C PRO B 133 15.79 -4.25 5.84
N HIS B 134 16.16 -2.97 5.88
CA HIS B 134 15.65 -2.00 6.84
C HIS B 134 14.50 -1.11 6.32
N VAL B 135 14.03 -1.32 5.10
CA VAL B 135 12.94 -0.52 4.56
C VAL B 135 11.63 -1.03 5.13
N ASP B 136 10.75 -0.14 5.54
CA ASP B 136 9.48 -0.54 6.18
C ASP B 136 8.40 0.27 5.47
N LEU B 137 7.34 -0.36 5.05
CA LEU B 137 6.30 0.29 4.26
C LEU B 137 5.05 0.63 5.08
N ARG B 138 5.07 0.43 6.39
CA ARG B 138 3.84 0.53 7.17
C ARG B 138 3.32 1.95 7.31
N LEU B 139 4.22 2.92 7.47
CA LEU B 139 3.81 4.32 7.46
C LEU B 139 3.44 4.83 6.08
N PHE B 140 4.17 4.39 5.05
CA PHE B 140 3.73 4.63 3.73
C PHE B 140 2.26 4.21 3.54
N ASP B 141 1.96 2.95 3.84
CA ASP B 141 0.63 2.38 3.57
C ASP B 141 -0.43 3.11 4.44
N HIS B 142 -0.06 3.46 5.66
CA HIS B 142 -1.00 4.16 6.51
C HIS B 142 -1.42 5.47 5.86
N PHE B 143 -0.47 6.32 5.51
CA PHE B 143 -0.84 7.61 4.93
C PHE B 143 -1.41 7.54 3.52
N ASN B 144 -1.00 6.53 2.73
CA ASN B 144 -1.63 6.30 1.47
C ASN B 144 -3.12 5.99 1.65
N ALA B 145 -3.46 5.22 2.67
CA ALA B 145 -4.86 4.91 2.92
C ALA B 145 -5.62 6.17 3.37
N GLN B 146 -4.98 7.05 4.13
CA GLN B 146 -5.64 8.23 4.66
C GLN B 146 -5.81 9.37 3.66
N VAL B 147 -4.83 9.62 2.77
CA VAL B 147 -4.86 10.80 1.90
C VAL B 147 -4.90 10.46 0.40
N GLY B 148 -4.95 9.16 0.07
CA GLY B 148 -5.08 8.69 -1.32
C GLY B 148 -6.50 8.78 -1.80
N LEU B 149 -6.68 8.69 -3.10
CA LEU B 149 -7.99 9.00 -3.70
C LEU B 149 -8.30 7.93 -4.72
N ASP B 150 -9.58 7.61 -4.93
CA ASP B 150 -9.94 6.68 -6.04
C ASP B 150 -9.85 7.41 -7.38
N ARG B 151 -10.11 6.69 -8.48
CA ARG B 151 -9.80 7.25 -9.76
C ARG B 151 -10.71 8.47 -10.05
N ALA B 152 -11.99 8.34 -9.76
CA ALA B 152 -12.96 9.42 -9.98
C ALA B 152 -12.55 10.69 -9.19
N GLN B 153 -12.15 10.49 -7.93
CA GLN B 153 -11.64 11.58 -7.10
C GLN B 153 -10.38 12.20 -7.69
N CYS B 154 -9.49 11.35 -8.19
CA CYS B 154 -8.28 11.86 -8.81
C CYS B 154 -8.62 12.72 -10.03
N ALA B 155 -9.56 12.27 -10.86
CA ALA B 155 -9.97 13.07 -12.04
C ALA B 155 -10.52 14.46 -11.59
N VAL B 156 -11.34 14.47 -10.54
CA VAL B 156 -11.89 15.71 -10.02
C VAL B 156 -10.77 16.61 -9.55
N ALA B 157 -9.82 16.06 -8.79
CA ALA B 157 -8.66 16.85 -8.36
C ALA B 157 -7.89 17.52 -9.50
N THR B 158 -7.65 16.81 -10.62
CA THR B 158 -6.92 17.42 -11.78
C THR B 158 -7.66 18.64 -12.40
N THR B 159 -8.98 18.69 -12.29
CA THR B 159 -9.74 19.86 -12.78
C THR B 159 -9.55 21.11 -11.87
N LYS B 160 -9.08 20.92 -10.64
CA LYS B 160 -8.95 21.99 -9.68
C LYS B 160 -7.53 22.36 -9.36
N LEU B 161 -6.55 21.73 -10.01
CA LEU B 161 -5.13 22.01 -9.73
C LEU B 161 -4.38 22.20 -11.03
N ILE B 162 -3.34 23.03 -11.01
CA ILE B 162 -2.45 23.17 -12.18
C ILE B 162 -1.71 21.85 -12.43
N LYS B 163 -1.23 21.70 -13.67
CA LYS B 163 -0.62 20.47 -14.20
C LYS B 163 0.58 20.02 -13.33
N GLU B 164 1.34 21.00 -12.82
CA GLU B 164 2.52 20.74 -11.98
C GLU B 164 2.17 20.29 -10.59
N SER B 165 0.90 20.32 -10.20
CA SER B 165 0.43 19.84 -8.90
C SER B 165 -0.48 18.63 -8.96
N HIS B 166 -0.40 17.84 -10.06
CA HIS B 166 -1.21 16.63 -10.16
C HIS B 166 -0.47 15.47 -9.50
N ASN B 167 -0.31 15.56 -8.19
CA ASN B 167 0.46 14.52 -7.48
C ASN B 167 0.02 14.40 -6.04
N ILE B 168 0.14 13.22 -5.46
CA ILE B 168 -0.12 13.00 -4.08
C ILE B 168 1.13 12.66 -3.26
N VAL B 169 2.07 11.96 -3.83
CA VAL B 169 3.21 11.48 -3.10
C VAL B 169 4.49 11.91 -3.82
N CYS B 170 5.57 12.06 -3.08
CA CYS B 170 6.88 12.03 -3.66
C CYS B 170 7.85 11.37 -2.69
N THR B 171 9.06 11.09 -3.19
CA THR B 171 10.00 10.22 -2.51
C THR B 171 11.35 10.90 -2.47
N SER B 172 12.06 10.71 -1.37
CA SER B 172 13.48 11.07 -1.28
C SER B 172 14.27 9.88 -0.80
N LEU B 173 15.52 9.85 -1.17
CA LEU B 173 16.43 8.76 -0.79
C LEU B 173 17.68 9.43 -0.23
N ASP B 174 17.94 9.25 1.05
CA ASP B 174 19.15 9.74 1.68
C ASP B 174 20.24 8.72 1.42
N LEU B 175 21.39 9.17 0.93
CA LEU B 175 22.51 8.27 0.64
C LEU B 175 23.51 8.43 1.78
N LYS B 176 23.32 7.64 2.84
CA LYS B 176 23.94 7.88 4.14
C LYS B 176 24.35 6.56 4.76
N ASP B 177 25.48 6.57 5.48
CA ASP B 177 25.92 5.37 6.25
C ASP B 177 26.10 4.12 5.34
N GLY B 178 26.51 4.32 4.09
CA GLY B 178 26.51 3.25 3.06
C GLY B 178 25.15 2.61 2.67
N GLU B 179 24.06 3.24 3.06
CA GLU B 179 22.74 2.70 2.87
C GLU B 179 21.93 3.69 2.04
N VAL B 180 20.73 3.26 1.66
CA VAL B 180 19.75 4.11 0.98
C VAL B 180 18.62 4.15 1.94
N ILE B 181 18.21 5.34 2.36
CA ILE B 181 17.19 5.51 3.39
C ILE B 181 16.01 6.29 2.82
N PRO B 182 14.83 5.63 2.60
CA PRO B 182 13.76 6.32 1.91
C PRO B 182 12.91 7.11 2.87
N LYS B 183 12.37 8.21 2.36
CA LYS B 183 11.47 9.06 3.03
C LYS B 183 10.39 9.32 2.02
N VAL B 184 9.18 9.55 2.48
CA VAL B 184 8.10 9.93 1.58
C VAL B 184 7.27 11.10 2.13
N TYR B 185 6.63 11.84 1.22
N TYR B 185 6.59 11.79 1.22
CA TYR B 185 5.81 12.99 1.58
CA TYR B 185 5.78 12.96 1.52
C TYR B 185 4.46 12.85 0.86
C TYR B 185 4.43 12.82 0.84
N PHE B 186 3.36 13.05 1.59
CA PHE B 186 2.01 12.94 1.05
C PHE B 186 1.37 14.32 1.04
N SER B 187 0.78 14.72 -0.08
CA SER B 187 0.06 16.00 -0.15
C SER B 187 -1.36 15.81 0.30
N THR B 188 -1.82 16.72 1.15
CA THR B 188 -3.17 16.76 1.71
C THR B 188 -4.15 17.51 0.80
N ILE B 189 -3.63 18.30 -0.13
CA ILE B 189 -4.41 19.20 -1.03
C ILE B 189 -5.41 18.48 -1.92
N PRO B 190 -4.98 17.44 -2.66
CA PRO B 190 -6.01 16.81 -3.48
C PRO B 190 -7.19 16.30 -2.65
N LYS B 191 -6.94 15.69 -1.51
CA LYS B 191 -8.04 15.19 -0.67
C LYS B 191 -8.88 16.33 -0.08
N GLY B 192 -8.22 17.37 0.41
CA GLY B 192 -8.93 18.56 0.86
C GLY B 192 -9.88 19.13 -0.19
N LEU B 193 -9.39 19.31 -1.41
CA LEU B 193 -10.15 19.84 -2.52
C LEU B 193 -11.30 18.97 -2.86
N VAL B 194 -11.08 17.68 -2.95
CA VAL B 194 -12.10 16.80 -3.46
C VAL B 194 -13.20 16.54 -2.42
N THR B 195 -12.84 16.44 -1.16
CA THR B 195 -13.82 16.12 -0.13
C THR B 195 -14.37 17.40 0.54
N GLU B 196 -13.87 18.58 0.14
CA GLU B 196 -14.16 19.86 0.80
C GLU B 196 -14.06 19.70 2.30
N THR B 197 -12.95 19.14 2.76
CA THR B 197 -12.56 19.04 4.15
C THR B 197 -11.42 20.05 4.39
N PRO B 198 -11.45 20.73 5.56
CA PRO B 198 -10.31 21.55 5.96
C PRO B 198 -8.97 20.82 6.04
N LEU B 199 -7.91 21.42 5.53
CA LEU B 199 -6.61 20.71 5.51
C LEU B 199 -6.14 20.32 6.90
N PHE B 200 -6.42 21.19 7.87
CA PHE B 200 -6.00 20.98 9.23
C PHE B 200 -6.64 19.72 9.77
N ASP B 201 -7.95 19.56 9.54
CA ASP B 201 -8.66 18.40 10.05
C ASP B 201 -8.20 17.09 9.41
N LEU B 202 -8.04 17.07 8.08
CA LEU B 202 -7.52 15.88 7.38
C LEU B 202 -6.18 15.44 7.88
N THR B 203 -5.28 16.40 8.04
CA THR B 203 -3.90 16.15 8.40
C THR B 203 -3.82 15.52 9.78
N PHE B 204 -4.46 16.15 10.77
CA PHE B 204 -4.51 15.60 12.11
C PHE B 204 -5.37 14.38 12.26
N ALA B 205 -6.46 14.25 11.53
CA ALA B 205 -7.22 12.99 11.55
C ALA B 205 -6.31 11.83 11.09
N ALA B 206 -5.54 12.04 10.01
CA ALA B 206 -4.69 10.95 9.50
C ALA B 206 -3.62 10.61 10.51
N ILE B 207 -3.02 11.63 11.13
CA ILE B 207 -2.01 11.41 12.16
C ILE B 207 -2.50 10.68 13.38
N GLU B 208 -3.69 11.04 13.84
CA GLU B 208 -4.25 10.48 15.08
C GLU B 208 -4.77 9.05 14.92
N GLN B 209 -4.94 8.59 13.68
CA GLN B 209 -5.22 7.18 13.42
C GLN B 209 -3.97 6.28 13.24
N MET B 210 -2.75 6.84 13.32
CA MET B 210 -1.53 6.02 13.26
C MET B 210 -1.45 5.06 14.44
N GLU B 211 -1.02 3.82 14.19
CA GLU B 211 -0.76 2.87 15.26
C GLU B 211 0.23 3.41 16.31
N VAL B 212 1.29 4.08 15.89
CA VAL B 212 2.25 4.67 16.88
C VAL B 212 1.66 5.80 17.74
N TYR B 213 0.75 6.59 17.18
CA TYR B 213 0.06 7.61 17.94
C TYR B 213 -0.66 6.97 19.11
N HIS B 214 -1.35 5.84 18.87
CA HIS B 214 -2.09 5.15 19.92
C HIS B 214 -1.22 4.50 21.00
N LYS B 215 0.01 4.15 20.67
CA LYS B 215 0.96 3.59 21.63
C LYS B 215 1.89 4.58 22.34
N ASP B 216 2.06 5.79 21.84
CA ASP B 216 3.11 6.70 22.36
C ASP B 216 2.53 8.01 22.92
N ALA B 217 2.39 8.07 24.25
CA ALA B 217 1.90 9.28 24.95
C ALA B 217 2.77 10.51 24.69
N PRO B 218 4.10 10.37 24.62
CA PRO B 218 4.92 11.55 24.27
C PRO B 218 4.56 12.20 22.93
N LEU B 219 4.41 11.38 21.89
CA LEU B 219 4.06 11.86 20.55
C LEU B 219 2.73 12.56 20.64
N ARG B 220 1.79 11.99 21.38
CA ARG B 220 0.42 12.62 21.46
C ARG B 220 0.51 14.01 22.13
N THR B 221 1.37 14.12 23.12
CA THR B 221 1.65 15.42 23.74
C THR B 221 2.30 16.47 22.81
N ALA B 222 3.36 16.06 22.08
CA ALA B 222 3.92 16.93 21.06
C ALA B 222 2.88 17.43 20.03
N LEU B 223 2.11 16.53 19.44
CA LEU B 223 1.11 16.89 18.43
C LEU B 223 0.04 17.81 18.98
N SER B 224 -0.36 17.61 20.24
CA SER B 224 -1.40 18.50 20.84
C SER B 224 -0.80 19.91 20.98
N SER B 225 0.48 20.03 21.32
CA SER B 225 1.14 21.36 21.33
C SER B 225 1.17 21.90 19.94
N LEU B 226 1.48 21.04 18.96
CA LEU B 226 1.56 21.50 17.57
C LEU B 226 0.21 21.98 17.13
N LYS B 227 -0.82 21.17 17.41
CA LYS B 227 -2.20 21.53 17.05
C LYS B 227 -2.64 22.86 17.65
N ASP B 228 -2.32 23.08 18.94
CA ASP B 228 -2.63 24.37 19.60
C ASP B 228 -1.91 25.56 18.94
N PHE B 229 -0.65 25.39 18.53
CA PHE B 229 0.00 26.41 17.68
C PHE B 229 -0.65 26.61 16.29
N LEU B 230 -0.94 25.53 15.57
CA LEU B 230 -1.41 25.69 14.18
C LEU B 230 -2.90 26.13 14.07
N ARG B 231 -3.76 25.68 14.99
CA ARG B 231 -5.20 25.85 14.84
C ARG B 231 -5.60 27.31 14.60
N PRO B 232 -5.07 28.27 15.40
CA PRO B 232 -5.32 29.70 15.14
C PRO B 232 -4.70 30.28 13.86
N ARG B 233 -3.66 29.65 13.29
CA ARG B 233 -2.89 30.21 12.17
C ARG B 233 -3.25 29.69 10.76
N VAL B 234 -3.95 28.58 10.66
CA VAL B 234 -4.32 28.00 9.33
C VAL B 234 -5.84 28.01 9.23
N PRO B 235 -6.40 27.80 8.04
CA PRO B 235 -7.85 27.89 7.93
C PRO B 235 -8.59 26.87 8.76
N THR B 236 -9.71 27.27 9.36
CA THR B 236 -10.67 26.35 9.97
C THR B 236 -11.63 25.83 8.90
N ASP B 237 -11.81 26.57 7.80
CA ASP B 237 -12.64 26.14 6.65
C ASP B 237 -11.82 25.28 5.65
N ALA B 238 -12.45 24.90 4.54
CA ALA B 238 -11.82 24.09 3.48
C ALA B 238 -11.00 24.82 2.39
N SER B 239 -10.69 26.11 2.57
CA SER B 239 -9.85 26.82 1.55
C SER B 239 -8.39 26.36 1.55
N ILE B 240 -7.72 26.63 0.41
CA ILE B 240 -6.26 26.45 0.22
C ILE B 240 -5.63 27.85 0.32
N THR B 241 -5.77 28.44 1.51
CA THR B 241 -5.37 29.80 1.79
C THR B 241 -4.16 29.68 2.68
N PRO B 242 -2.97 29.95 2.12
CA PRO B 242 -1.80 29.83 3.00
C PRO B 242 -1.92 30.84 4.11
N PRO B 243 -1.33 30.59 5.29
CA PRO B 243 -0.55 29.38 5.58
C PRO B 243 -1.39 28.11 5.79
N LEU B 244 -0.88 26.99 5.28
CA LEU B 244 -1.64 25.75 5.28
C LEU B 244 -0.77 24.49 5.53
N THR B 245 -1.41 23.47 6.11
CA THR B 245 -0.80 22.16 6.33
C THR B 245 -0.89 21.34 5.06
N GLY B 246 0.16 21.40 4.24
CA GLY B 246 0.12 20.87 2.85
C GLY B 246 0.77 19.50 2.57
N LEU B 247 1.68 19.08 3.43
CA LEU B 247 2.33 17.80 3.30
C LEU B 247 2.52 17.16 4.67
N ILE B 248 2.44 15.84 4.65
CA ILE B 248 2.86 14.99 5.76
C ILE B 248 4.05 14.16 5.31
N GLY B 249 5.09 14.11 6.14
CA GLY B 249 6.31 13.36 5.81
C GLY B 249 6.61 12.25 6.80
N VAL B 250 7.06 11.09 6.30
CA VAL B 250 7.55 10.02 7.16
C VAL B 250 8.80 9.41 6.59
N ASP B 251 9.56 8.75 7.44
CA ASP B 251 10.68 7.88 7.03
C ASP B 251 10.12 6.47 6.83
N CYS B 252 10.62 5.75 5.83
CA CYS B 252 10.17 4.37 5.56
C CYS B 252 11.01 3.42 6.34
N ILE B 253 10.86 3.55 7.66
CA ILE B 253 11.55 2.73 8.65
C ILE B 253 10.53 2.35 9.75
N ASP B 254 10.98 1.55 10.71
CA ASP B 254 10.18 1.17 11.92
C ASP B 254 9.35 2.35 12.38
N PRO B 255 8.02 2.24 12.42
CA PRO B 255 7.26 3.40 12.84
C PRO B 255 7.69 4.07 14.16
N MET B 256 8.19 3.29 15.13
CA MET B 256 8.72 3.86 16.37
C MET B 256 9.97 4.72 16.26
N LEU B 257 10.73 4.58 15.18
CA LEU B 257 11.91 5.41 14.96
C LEU B 257 11.68 6.50 13.92
N SER B 258 10.53 6.48 13.25
CA SER B 258 10.28 7.44 12.16
C SER B 258 9.95 8.79 12.67
N ARG B 259 10.52 9.81 12.02
CA ARG B 259 10.14 11.15 12.26
C ARG B 259 8.86 11.41 11.49
N LEU B 260 7.88 12.04 12.13
CA LEU B 260 6.67 12.49 11.50
C LEU B 260 6.83 13.98 11.22
N LYS B 261 6.61 14.40 9.98
CA LYS B 261 6.88 15.76 9.50
C LYS B 261 5.59 16.45 9.02
N VAL B 262 5.27 17.61 9.60
CA VAL B 262 4.10 18.38 9.18
C VAL B 262 4.67 19.64 8.57
N TYR B 263 4.38 19.85 7.29
CA TYR B 263 4.96 20.93 6.49
CA TYR B 263 4.98 20.95 6.49
C TYR B 263 3.88 21.97 6.26
N LEU B 264 4.16 23.21 6.61
CA LEU B 264 3.32 24.35 6.22
C LEU B 264 3.89 24.99 4.96
N ALA B 265 2.99 25.45 4.12
CA ALA B 265 3.36 26.21 2.96
C ALA B 265 2.76 27.58 3.12
N THR B 266 3.54 28.60 2.85
CA THR B 266 3.00 30.00 2.86
C THR B 266 3.72 30.85 1.82
N PHE B 267 3.01 31.78 1.24
CA PHE B 267 3.65 32.75 0.33
C PHE B 267 4.21 34.00 1.01
N ARG B 268 3.84 34.22 2.25
CA ARG B 268 4.28 35.38 3.01
C ARG B 268 5.27 34.98 4.09
N MET B 269 6.42 35.65 4.09
CA MET B 269 7.47 35.44 5.06
C MET B 269 8.32 36.70 5.38
N ASP B 270 7.91 37.42 6.42
CA ASP B 270 8.69 38.57 6.97
C ASP B 270 9.32 38.13 8.30
N LEU B 271 10.08 39.01 8.93
CA LEU B 271 10.79 38.69 10.17
C LEU B 271 9.85 38.25 11.27
N SER B 272 8.68 38.89 11.40
CA SER B 272 7.68 38.52 12.42
C SER B 272 7.16 37.11 12.25
N LEU B 273 6.89 36.74 11.00
CA LEU B 273 6.47 35.37 10.69
C LEU B 273 7.61 34.36 10.94
N ILE B 274 8.82 34.64 10.51
CA ILE B 274 9.96 33.72 10.81
C ILE B 274 10.05 33.45 12.29
N ARG B 275 10.02 34.52 13.07
CA ARG B 275 10.05 34.42 14.52
C ARG B 275 8.94 33.54 15.07
N ASP B 276 7.71 33.87 14.67
CA ASP B 276 6.54 33.14 15.08
C ASP B 276 6.63 31.61 14.75
N TYR B 277 7.14 31.25 13.57
CA TYR B 277 7.22 29.85 13.16
C TYR B 277 8.33 29.13 13.89
N TRP B 278 9.49 29.79 13.93
CA TRP B 278 10.62 29.22 14.50
C TRP B 278 10.38 28.93 16.01
N THR B 279 9.70 29.84 16.73
CA THR B 279 9.57 29.74 18.22
C THR B 279 8.25 29.15 18.62
N LEU B 280 7.47 28.73 17.64
CA LEU B 280 6.13 28.24 17.87
C LEU B 280 5.37 29.23 18.71
N GLY B 281 5.45 30.49 18.27
CA GLY B 281 4.61 31.55 18.83
C GLY B 281 4.96 31.97 20.24
N GLY B 282 6.20 31.81 20.65
CA GLY B 282 6.64 32.13 22.02
C GLY B 282 6.81 30.90 22.88
N LEU B 283 6.29 29.76 22.44
CA LEU B 283 6.49 28.47 23.13
C LEU B 283 7.96 28.05 23.34
N LEU B 284 8.86 28.29 22.37
CA LEU B 284 10.29 27.98 22.52
C LEU B 284 11.14 29.27 22.65
N THR B 285 11.77 29.42 23.79
CA THR B 285 12.41 30.66 24.21
C THR B 285 13.84 30.39 24.64
N ASP B 286 14.26 29.13 24.58
CA ASP B 286 15.58 28.69 25.11
C ASP B 286 16.73 29.10 24.18
N ALA B 287 17.96 28.98 24.66
CA ALA B 287 19.10 29.58 23.99
C ALA B 287 19.45 28.87 22.67
N GLY B 288 19.21 27.55 22.58
CA GLY B 288 19.36 26.78 21.33
C GLY B 288 18.43 27.27 20.24
N THR B 289 17.16 27.45 20.56
CA THR B 289 16.17 28.00 19.64
C THR B 289 16.52 29.37 19.17
N MET B 290 16.94 30.24 20.09
CA MET B 290 17.30 31.63 19.75
C MET B 290 18.56 31.77 18.92
N LYS B 291 19.52 30.87 19.12
CA LYS B 291 20.72 30.83 18.25
C LYS B 291 20.33 30.41 16.83
N GLY B 292 19.46 29.40 16.73
CA GLY B 292 18.89 29.04 15.45
C GLY B 292 18.24 30.21 14.75
N LEU B 293 17.45 30.96 15.49
CA LEU B 293 16.69 32.04 14.93
C LEU B 293 17.64 33.13 14.40
N GLU B 294 18.71 33.44 15.12
CA GLU B 294 19.71 34.43 14.64
C GLU B 294 20.28 34.00 13.28
N MET B 295 20.66 32.72 13.22
CA MET B 295 21.19 32.05 12.04
C MET B 295 20.23 32.24 10.85
N VAL B 296 18.95 31.98 11.05
CA VAL B 296 17.91 32.07 9.98
C VAL B 296 17.74 33.49 9.57
N GLU B 297 17.72 34.39 10.56
CA GLU B 297 17.62 35.81 10.26
C GLU B 297 18.85 36.30 9.51
N THR B 298 20.02 35.85 9.90
CA THR B 298 21.28 36.26 9.19
C THR B 298 21.27 35.74 7.74
N LEU B 299 20.79 34.49 7.56
CA LEU B 299 20.59 33.93 6.22
C LEU B 299 19.64 34.75 5.39
N ALA B 300 18.43 35.04 5.89
CA ALA B 300 17.51 35.87 5.11
C ALA B 300 18.20 37.17 4.64
N LYS B 301 18.87 37.84 5.57
CA LYS B 301 19.58 39.12 5.30
C LYS B 301 20.66 38.96 4.23
N THR B 302 21.53 37.98 4.38
CA THR B 302 22.54 37.72 3.39
C THR B 302 21.99 37.38 1.95
N LEU B 303 20.72 36.99 1.79
CA LEU B 303 20.08 36.66 0.46
C LEU B 303 19.25 37.78 -0.22
N LEU B 318 7.01 29.98 -5.98
CA LEU B 318 7.12 28.86 -5.04
C LEU B 318 6.85 29.34 -3.58
N PRO B 319 6.14 28.53 -2.76
CA PRO B 319 5.92 28.96 -1.38
C PRO B 319 7.17 28.81 -0.49
N PHE B 320 7.20 29.51 0.66
CA PHE B 320 8.11 29.14 1.74
C PHE B 320 7.54 27.90 2.43
N GLY B 321 8.41 27.12 3.06
CA GLY B 321 8.05 25.90 3.75
C GLY B 321 8.52 25.98 5.18
N ILE B 322 7.74 25.40 6.09
CA ILE B 322 8.07 25.30 7.50
C ILE B 322 7.72 23.90 7.85
N ASN B 323 8.69 23.17 8.34
CA ASN B 323 8.53 21.76 8.56
C ASN B 323 8.78 21.42 10.00
N TYR B 324 7.70 21.01 10.71
CA TYR B 324 7.77 20.56 12.14
C TYR B 324 7.92 19.08 12.18
N ALA B 325 9.03 18.63 12.70
CA ALA B 325 9.38 17.23 12.70
C ALA B 325 9.30 16.66 14.12
N MET B 326 8.54 15.58 14.29
CA MET B 326 8.37 14.97 15.61
C MET B 326 8.73 13.49 15.59
N LYS B 327 9.25 12.99 16.71
CA LYS B 327 9.74 11.63 16.81
C LYS B 327 9.05 10.97 18.00
N PRO B 328 8.64 9.69 17.86
CA PRO B 328 8.06 8.97 19.02
C PRO B 328 9.00 8.92 20.23
N GLY B 329 8.45 9.04 21.44
CA GLY B 329 9.25 9.11 22.68
C GLY B 329 9.62 10.51 23.12
N THR B 330 9.38 11.53 22.28
CA THR B 330 9.74 12.93 22.62
C THR B 330 8.45 13.70 22.79
N ALA B 331 8.25 14.29 23.98
CA ALA B 331 7.04 15.03 24.28
C ALA B 331 7.08 16.52 23.86
N GLU B 332 8.28 17.10 23.73
CA GLU B 332 8.38 18.52 23.45
C GLU B 332 8.73 18.77 22.00
N LEU B 333 8.14 19.84 21.46
CA LEU B 333 8.48 20.28 20.10
C LEU B 333 9.84 20.91 20.03
N ALA B 334 10.47 20.74 18.87
CA ALA B 334 11.70 21.42 18.48
C ALA B 334 11.42 22.49 17.41
N PRO B 335 12.41 23.38 17.16
CA PRO B 335 12.20 24.34 16.08
C PRO B 335 12.09 23.65 14.70
N PRO B 336 11.34 24.25 13.76
CA PRO B 336 11.15 23.62 12.45
C PRO B 336 12.39 23.79 11.57
N GLN B 337 12.40 23.13 10.43
CA GLN B 337 13.25 23.51 9.33
C GLN B 337 12.48 24.50 8.47
N ILE B 338 13.13 25.59 8.06
CA ILE B 338 12.51 26.59 7.16
C ILE B 338 13.16 26.47 5.78
N TYR B 339 12.30 26.51 4.75
CA TYR B 339 12.74 26.35 3.34
C TYR B 339 12.50 27.64 2.58
N PHE B 340 13.58 28.18 2.04
CA PHE B 340 13.54 29.38 1.20
C PHE B 340 13.61 29.01 -0.27
N PRO B 341 12.60 29.43 -1.06
CA PRO B 341 12.64 29.23 -2.48
C PRO B 341 13.64 30.15 -3.16
N LEU B 342 14.43 29.65 -4.09
CA LEU B 342 15.57 30.37 -4.72
C LEU B 342 15.41 30.52 -6.23
N LEU B 343 14.30 29.99 -6.76
CA LEU B 343 14.02 30.06 -8.17
C LEU B 343 13.95 31.54 -8.56
N GLY B 344 14.60 31.93 -9.65
CA GLY B 344 14.59 33.33 -10.08
C GLY B 344 15.71 34.25 -9.56
N ILE B 345 16.50 33.79 -8.60
CA ILE B 345 17.66 34.49 -8.09
C ILE B 345 18.90 33.91 -8.73
N ASN B 346 19.80 34.79 -9.15
CA ASN B 346 21.00 34.42 -9.88
C ASN B 346 21.86 33.48 -9.07
N ASP B 347 22.36 32.45 -9.74
CA ASP B 347 23.01 31.36 -9.04
C ASP B 347 24.41 31.73 -8.58
N GLY B 348 25.06 32.61 -9.33
CA GLY B 348 26.34 33.24 -8.89
C GLY B 348 26.17 34.05 -7.60
N PHE B 349 25.14 34.85 -7.53
CA PHE B 349 24.83 35.56 -6.31
C PHE B 349 24.57 34.61 -5.12
N ILE B 350 23.76 33.58 -5.36
CA ILE B 350 23.43 32.61 -4.30
C ILE B 350 24.71 32.01 -3.81
N ALA B 351 25.64 31.67 -4.72
CA ALA B 351 26.88 31.06 -4.27
C ALA B 351 27.69 32.02 -3.38
N ASP B 352 27.78 33.29 -3.80
CA ASP B 352 28.52 34.30 -3.02
C ASP B 352 27.84 34.49 -1.64
N ALA B 353 26.51 34.56 -1.61
CA ALA B 353 25.74 34.65 -0.37
C ALA B 353 25.98 33.46 0.55
N LEU B 354 26.01 32.27 -0.01
CA LEU B 354 26.24 31.06 0.81
C LEU B 354 27.66 31.04 1.38
N VAL B 355 28.63 31.47 0.60
CA VAL B 355 30.03 31.55 1.06
C VAL B 355 30.13 32.49 2.30
N GLU B 356 29.48 33.63 2.19
CA GLU B 356 29.42 34.62 3.27
C GLU B 356 28.71 34.01 4.50
N PHE B 357 27.58 33.35 4.28
CA PHE B 357 26.87 32.67 5.36
C PHE B 357 27.75 31.60 6.00
N PHE B 358 28.48 30.84 5.20
CA PHE B 358 29.35 29.80 5.74
C PHE B 358 30.48 30.37 6.60
N GLN B 359 31.00 31.54 6.21
CA GLN B 359 31.98 32.26 7.02
C GLN B 359 31.30 32.71 8.33
N TYR B 360 30.11 33.33 8.24
CA TYR B 360 29.34 33.68 9.44
C TYR B 360 29.17 32.51 10.43
N MET B 361 28.90 31.32 9.92
CA MET B 361 28.80 30.10 10.73
C MET B 361 30.14 29.58 11.26
N GLY B 362 31.26 30.12 10.78
CA GLY B 362 32.59 29.50 11.06
C GLY B 362 32.84 28.18 10.33
N TRP B 363 32.15 27.94 9.21
CA TRP B 363 32.39 26.74 8.38
C TRP B 363 33.36 27.13 7.29
N GLU B 364 34.62 27.31 7.70
CA GLU B 364 35.64 27.89 6.77
C GLU B 364 35.93 26.96 5.58
N ASP B 365 35.97 25.67 5.83
CA ASP B 365 36.27 24.75 4.75
C ASP B 365 35.10 24.75 3.72
N GLN B 366 33.85 24.70 4.21
CA GLN B 366 32.66 24.79 3.30
C GLN B 366 32.64 26.07 2.49
N ALA B 367 32.94 27.21 3.13
CA ALA B 367 33.07 28.51 2.44
C ALA B 367 34.11 28.53 1.32
N ASN B 368 35.28 27.95 1.59
CA ASN B 368 36.39 28.01 0.64
C ASN B 368 36.14 27.10 -0.58
N ARG B 369 35.36 26.05 -0.42
CA ARG B 369 35.14 25.10 -1.52
C ARG B 369 33.82 25.27 -2.29
N TYR B 370 32.84 26.00 -1.73
CA TYR B 370 31.47 25.93 -2.21
C TYR B 370 31.35 26.33 -3.68
N LYS B 371 31.91 27.46 -4.07
CA LYS B 371 31.74 27.99 -5.41
C LYS B 371 32.51 27.22 -6.51
N ASP B 372 33.75 26.80 -6.24
CA ASP B 372 34.43 25.90 -7.20
C ASP B 372 33.76 24.52 -7.32
N GLU B 373 33.35 23.94 -6.21
CA GLU B 373 32.62 22.65 -6.31
C GLU B 373 31.22 22.81 -7.01
N LEU B 374 30.57 23.96 -6.86
CA LEU B 374 29.29 24.22 -7.56
C LEU B 374 29.47 24.27 -9.04
N LYS B 375 30.49 25.00 -9.46
CA LYS B 375 30.90 25.00 -10.89
C LYS B 375 31.18 23.64 -11.44
N ALA B 376 31.94 22.84 -10.69
CA ALA B 376 32.32 21.54 -11.15
C ALA B 376 31.13 20.53 -11.11
N LYS B 377 30.15 20.70 -10.24
CA LYS B 377 28.91 19.87 -10.35
C LYS B 377 28.19 20.06 -11.68
N PHE B 378 28.20 21.29 -12.15
CA PHE B 378 27.39 21.73 -13.29
C PHE B 378 28.22 22.36 -14.43
N PRO B 379 29.16 21.61 -15.00
CA PRO B 379 30.10 22.15 -16.01
C PRO B 379 29.48 22.69 -17.32
N ASN B 380 28.26 22.29 -17.69
CA ASN B 380 27.59 22.78 -18.93
C ASN B 380 26.96 24.14 -18.88
N VAL B 381 27.07 24.80 -17.74
CA VAL B 381 26.27 25.95 -17.44
C VAL B 381 27.26 26.97 -16.86
N ASP B 382 26.95 28.26 -17.05
CA ASP B 382 27.70 29.34 -16.38
C ASP B 382 26.85 29.85 -15.21
N ILE B 383 27.24 29.49 -13.98
CA ILE B 383 26.37 29.80 -12.84
C ILE B 383 26.14 31.28 -12.66
N SER B 384 27.08 32.11 -13.10
CA SER B 384 26.90 33.55 -13.02
C SER B 384 25.84 34.05 -14.01
N GLN B 385 25.37 33.23 -14.97
CA GLN B 385 24.19 33.58 -15.82
C GLN B 385 22.87 32.85 -15.53
N THR B 386 22.85 31.79 -14.72
CA THR B 386 21.61 31.01 -14.57
C THR B 386 20.82 31.45 -13.36
N LYS B 387 19.54 31.18 -13.38
CA LYS B 387 18.71 31.50 -12.26
C LYS B 387 17.95 30.30 -11.70
N ASN B 388 18.15 29.12 -12.26
CA ASN B 388 17.26 27.96 -11.97
C ASN B 388 17.91 26.81 -11.22
N VAL B 389 19.22 26.85 -11.07
CA VAL B 389 19.94 25.68 -10.60
C VAL B 389 19.73 25.43 -9.09
N HIS B 390 19.93 26.46 -8.24
CA HIS B 390 19.48 26.39 -6.84
C HIS B 390 17.96 26.58 -6.85
N ARG B 391 17.24 25.62 -6.31
CA ARG B 391 15.82 25.75 -6.28
C ARG B 391 15.35 26.11 -4.88
N TRP B 392 15.93 25.47 -3.88
CA TRP B 392 15.54 25.63 -2.48
C TRP B 392 16.78 25.58 -1.60
N LEU B 393 16.62 26.20 -0.44
CA LEU B 393 17.55 26.10 0.64
C LEU B 393 16.68 25.85 1.90
N GLY B 394 17.07 24.85 2.69
CA GLY B 394 16.45 24.63 4.02
C GLY B 394 17.51 24.84 5.08
N VAL B 395 17.07 25.40 6.20
CA VAL B 395 17.96 25.51 7.33
C VAL B 395 17.31 24.96 8.56
N ALA B 396 18.15 24.36 9.41
CA ALA B 396 17.72 23.80 10.68
C ALA B 396 18.80 23.97 11.73
N TYR B 397 18.35 23.92 12.99
CA TYR B 397 19.23 23.83 14.13
C TYR B 397 18.69 22.73 15.04
N SER B 398 19.47 21.70 15.33
CA SER B 398 19.07 20.65 16.29
C SER B 398 19.85 20.81 17.59
N GLU B 399 19.16 20.59 18.71
CA GLU B 399 19.73 20.61 20.07
C GLU B 399 20.94 19.69 20.22
N THR B 400 20.81 18.44 19.75
CA THR B 400 21.93 17.42 19.71
C THR B 400 22.92 17.58 18.53
N LYS B 401 22.38 17.65 17.32
CA LYS B 401 23.20 17.59 16.08
C LYS B 401 23.84 18.90 15.62
N GLY B 402 23.29 20.05 15.99
CA GLY B 402 23.88 21.32 15.59
C GLY B 402 23.18 21.95 14.37
N PRO B 403 23.78 22.96 13.78
CA PRO B 403 23.15 23.61 12.62
C PRO B 403 23.33 22.80 11.32
N SER B 404 22.36 22.92 10.42
CA SER B 404 22.48 22.26 9.12
C SER B 404 21.87 23.09 8.03
N MET B 405 22.34 22.84 6.82
CA MET B 405 21.79 23.45 5.63
C MET B 405 21.52 22.41 4.52
N ASN B 406 20.33 22.46 3.94
CA ASN B 406 20.00 21.61 2.83
C ASN B 406 19.97 22.47 1.57
N ILE B 407 20.70 22.09 0.54
CA ILE B 407 20.60 22.83 -0.73
C ILE B 407 20.06 21.87 -1.81
N TYR B 408 19.06 22.31 -2.52
CA TYR B 408 18.32 21.45 -3.45
C TYR B 408 18.55 22.02 -4.83
N TYR B 409 19.09 21.18 -5.71
CA TYR B 409 19.43 21.57 -7.03
C TYR B 409 18.53 20.90 -8.06
N ASP B 410 18.17 21.67 -9.08
CA ASP B 410 17.55 21.20 -10.32
C ASP B 410 18.67 20.65 -11.21
N VAL B 411 19.01 19.36 -11.03
CA VAL B 411 20.11 18.72 -11.77
C VAL B 411 19.93 18.95 -13.25
N VAL B 412 18.70 18.74 -13.74
CA VAL B 412 18.48 18.78 -15.21
C VAL B 412 18.77 20.22 -15.76
N ALA B 413 18.31 21.24 -15.02
CA ALA B 413 18.59 22.62 -15.40
C ALA B 413 20.07 22.91 -15.42
N GLY B 414 20.82 22.30 -14.51
CA GLY B 414 22.23 22.43 -14.49
C GLY B 414 23.05 21.65 -15.50
N ASN B 415 22.41 20.80 -16.31
CA ASN B 415 23.03 19.94 -17.29
C ASN B 415 22.57 20.27 -18.68
N VAL B 416 21.54 21.08 -18.72
CA VAL B 416 20.78 21.49 -19.86
C VAL B 416 20.18 20.33 -20.70
O4 DST C . -17.37 -13.74 -1.55
P1 DST C . -18.09 -14.18 -0.17
O6 DST C . -19.50 -14.57 -0.39
O5 DST C . -17.97 -12.89 0.80
O2 DST C . -17.18 -15.34 0.49
P3 DST C . -15.59 -15.13 0.61
O8 DST C . -14.94 -16.18 -0.44
O7 DST C . -15.18 -13.73 0.32
S9 DST C . -15.09 -15.74 2.38
C10 DST C . -13.30 -16.03 2.12
C11 DST C . -12.96 -17.47 2.50
C12 DST C . -11.59 -18.05 2.12
C13 DST C . -10.58 -17.21 1.37
C14 DST C . -11.25 -19.50 2.50
O4 DST D . 16.14 15.26 4.85
P1 DST D . 15.45 16.38 5.80
O6 DST D . 14.50 15.77 6.76
O5 DST D . 16.69 17.10 6.55
O2 DST D . 14.79 17.48 4.83
P3 DST D . 13.64 17.04 3.77
O8 DST D . 13.19 15.63 4.00
O7 DST D . 14.33 17.22 2.31
S9 DST D . 12.23 18.34 3.90
C10 DST D . 11.35 18.02 2.32
C11 DST D . 11.61 19.16 1.35
C12 DST D . 10.93 19.18 -0.02
C13 DST D . 9.98 18.04 -0.41
C14 DST D . 11.19 20.33 -0.99
#